data_9M08
#
_entry.id   9M08
#
_cell.length_a   1.00
_cell.length_b   1.00
_cell.length_c   1.00
_cell.angle_alpha   90.00
_cell.angle_beta   90.00
_cell.angle_gamma   90.00
#
_symmetry.space_group_name_H-M   'P 1'
#
loop_
_entity.id
_entity.type
_entity.pdbx_description
1 polymer 'Quorum-sensing regulator protein G'
2 polymer 'histidine kinase'
#
loop_
_entity_poly.entity_id
_entity_poly.type
_entity_poly.pdbx_seq_one_letter_code
_entity_poly.pdbx_strand_id
1 'polypeptide(L)'
;CVPHASQQLPGSAAQDTLPHYQLADYLPTACADIWSLRGQAVETNPLYWLRTIDCADRLMPVQSRAEARALTDDNWQNAF
RRGILLADAKITPPERRAIVTRLEALSAQIPAQVRPVYQIWHDGQALQLALSAERQRYSKLQQMSDSELDALRQQQQALQ
TQLDLTTRKLESLTDIERQLSTRKP
;
A,B
2 'polypeptide(L)'
;MKRWSVFPRSLRQLVMLAFLLILLPLLVLAWQAWQSLNALSDQAAVTNRSTLIDARRSEAMTNVALEMERSYRQYCVLDD
PTLAKVYQSQRKRYSDMLDAHAGVLPDDKLYQALRQDLNALAQLQCKDSGPEAAAAARLEAFANANTEMVQATRTVVYSR
GQQLQQEIAERGQFFGWQALVLFLVSLAMVLLFTRMIIGPVKGIERMINRLGEGRSLGNTVTFTGPRELRSVGQRIIWLS
ERLAWLESQRHQFLRHLSHELKTPLASMREGTELLADQVVGPLTPEQKEVVDILDDSSRNLQKLIEQLLDYNRKLVDSAT
ELEAVDIAPLVDMVVSAHSLPARAKMMHTDVDLEAERCIAEPMLLMSVLDNLYSNAVHYGAESGNICIRSRSQGSTVYID
VVNSGEPIPQTEREMIFEPFFQGSHQRKGAVKGSGLGLSIARDCIRRMQGEIQLVDDNAQEVCFRISLPLPASDKHGSWS
HPQFEK
;
C,D
#
# COMPACT_ATOMS: atom_id res chain seq x y z
N GLN A 22 63.73 0.47 -55.94
CA GLN A 22 63.79 -0.84 -56.57
C GLN A 22 63.55 -1.96 -55.55
N LEU A 23 62.28 -2.28 -55.31
CA LEU A 23 61.89 -3.29 -54.34
C LEU A 23 61.12 -4.38 -55.05
N ALA A 24 61.50 -5.63 -54.81
CA ALA A 24 60.90 -6.77 -55.47
C ALA A 24 59.52 -7.07 -54.92
N ASP A 25 58.78 -7.93 -55.62
CA ASP A 25 57.43 -8.31 -55.25
C ASP A 25 57.40 -9.80 -54.92
N TYR A 26 56.81 -10.14 -53.79
CA TYR A 26 56.66 -11.52 -53.35
C TYR A 26 55.21 -11.93 -53.16
N LEU A 27 54.26 -11.06 -53.49
CA LEU A 27 52.84 -11.39 -53.30
C LEU A 27 52.39 -12.62 -54.07
N PRO A 28 52.71 -12.80 -55.36
CA PRO A 28 52.20 -13.99 -56.07
C PRO A 28 52.63 -15.32 -55.47
N THR A 29 53.83 -15.39 -54.89
CA THR A 29 54.28 -16.66 -54.34
C THR A 29 53.61 -16.95 -53.00
N ALA A 30 53.78 -18.17 -52.52
CA ALA A 30 53.13 -18.61 -51.29
C ALA A 30 53.64 -17.82 -50.10
N CYS A 31 52.77 -17.63 -49.11
CA CYS A 31 53.10 -16.85 -47.92
C CYS A 31 53.91 -17.63 -46.90
N ALA A 32 54.04 -18.95 -47.05
CA ALA A 32 54.74 -19.75 -46.04
C ALA A 32 56.22 -19.40 -46.01
N ASP A 33 56.88 -19.40 -47.16
CA ASP A 33 58.31 -19.10 -47.19
C ASP A 33 58.59 -17.65 -46.81
N ILE A 34 57.71 -16.73 -47.21
CA ILE A 34 57.89 -15.33 -46.82
C ILE A 34 57.75 -15.17 -45.32
N TRP A 35 56.78 -15.86 -44.71
CA TRP A 35 56.65 -15.85 -43.26
C TRP A 35 57.87 -16.49 -42.60
N SER A 36 58.48 -17.48 -43.24
CA SER A 36 59.60 -18.18 -42.65
C SER A 36 60.90 -17.38 -42.70
N LEU A 37 61.11 -16.58 -43.74
CA LEU A 37 62.39 -15.92 -43.94
C LEU A 37 62.54 -14.71 -43.02
N ARG A 38 63.80 -14.43 -42.66
CA ARG A 38 64.15 -13.25 -41.88
C ARG A 38 65.25 -12.47 -42.61
N GLY A 39 65.83 -11.48 -41.94
CA GLY A 39 66.93 -10.73 -42.51
C GLY A 39 66.68 -9.24 -42.58
N GLN A 40 67.74 -8.44 -42.40
CA GLN A 40 67.60 -6.99 -42.48
C GLN A 40 67.44 -6.52 -43.93
N ALA A 41 67.94 -7.30 -44.89
CA ALA A 41 67.81 -6.92 -46.29
C ALA A 41 66.35 -6.93 -46.73
N VAL A 42 65.59 -7.94 -46.30
CA VAL A 42 64.19 -8.00 -46.68
C VAL A 42 63.33 -7.11 -45.79
N GLU A 43 63.75 -6.88 -44.54
CA GLU A 43 62.97 -6.14 -43.56
C GLU A 43 62.79 -4.67 -43.92
N THR A 44 63.48 -4.17 -44.95
CA THR A 44 63.33 -2.79 -45.37
C THR A 44 62.16 -2.56 -46.32
N ASN A 45 61.42 -3.63 -46.65
CA ASN A 45 60.30 -3.54 -47.57
C ASN A 45 59.00 -3.85 -46.83
N PRO A 46 57.93 -3.08 -47.06
CA PRO A 46 56.65 -3.42 -46.42
C PRO A 46 55.82 -4.42 -47.20
N LEU A 47 56.06 -4.57 -48.51
CA LEU A 47 55.19 -5.40 -49.34
C LEU A 47 55.05 -6.81 -48.79
N TYR A 48 56.14 -7.37 -48.27
CA TYR A 48 56.02 -8.68 -47.65
C TYR A 48 55.27 -8.61 -46.33
N TRP A 49 55.29 -7.47 -45.64
CA TRP A 49 54.42 -7.31 -44.47
C TRP A 49 52.96 -7.36 -44.86
N LEU A 50 52.58 -6.69 -45.96
CA LEU A 50 51.20 -6.83 -46.43
C LEU A 50 50.91 -8.26 -46.85
N ARG A 51 51.88 -8.95 -47.45
CA ARG A 51 51.68 -10.36 -47.79
C ARG A 51 51.39 -11.19 -46.54
N THR A 52 52.17 -10.97 -45.47
CA THR A 52 51.95 -11.71 -44.23
C THR A 52 50.60 -11.40 -43.62
N ILE A 53 50.19 -10.13 -43.61
CA ILE A 53 48.92 -9.81 -42.96
C ILE A 53 47.75 -10.38 -43.77
N ASP A 54 47.85 -10.37 -45.11
CA ASP A 54 46.77 -10.94 -45.90
C ASP A 54 46.79 -12.46 -45.89
N CYS A 55 47.92 -13.09 -45.55
CA CYS A 55 47.95 -14.53 -45.40
C CYS A 55 47.49 -14.99 -44.03
N ALA A 56 47.73 -14.19 -42.99
CA ALA A 56 47.45 -14.62 -41.62
C ALA A 56 45.96 -14.84 -41.39
N ASP A 57 45.12 -13.93 -41.87
CA ASP A 57 43.68 -14.05 -41.63
C ASP A 57 43.12 -15.31 -42.28
N ARG A 58 43.58 -15.62 -43.50
CA ARG A 58 43.12 -16.84 -44.18
C ARG A 58 43.69 -18.10 -43.53
N LEU A 59 44.72 -17.96 -42.70
CA LEU A 59 45.30 -19.13 -42.05
C LEU A 59 44.37 -19.67 -40.96
N MET A 60 44.56 -20.93 -40.64
CA MET A 60 43.79 -21.60 -39.59
C MET A 60 44.28 -21.07 -38.24
N PRO A 61 43.40 -20.45 -37.43
CA PRO A 61 43.87 -19.90 -36.15
C PRO A 61 44.60 -20.89 -35.25
N VAL A 62 44.17 -22.14 -35.18
CA VAL A 62 44.92 -23.12 -34.39
C VAL A 62 46.27 -23.40 -35.04
N GLN A 63 46.30 -23.49 -36.37
CA GLN A 63 47.57 -23.62 -37.07
C GLN A 63 48.43 -22.37 -36.89
N SER A 64 47.78 -21.19 -36.84
CA SER A 64 48.51 -19.96 -36.57
C SER A 64 49.16 -19.98 -35.20
N ARG A 65 48.44 -20.46 -34.19
CA ARG A 65 49.01 -20.60 -32.85
C ARG A 65 50.15 -21.61 -32.87
N ALA A 66 49.98 -22.73 -33.58
CA ALA A 66 51.03 -23.74 -33.65
C ALA A 66 52.30 -23.17 -34.27
N GLU A 67 52.16 -22.39 -35.34
CA GLU A 67 53.34 -21.84 -36.00
C GLU A 67 53.93 -20.67 -35.24
N ALA A 68 53.12 -19.93 -34.48
CA ALA A 68 53.63 -18.81 -33.69
C ALA A 68 54.21 -19.23 -32.35
N ARG A 69 53.92 -20.45 -31.90
CA ARG A 69 54.50 -20.91 -30.63
C ARG A 69 56.01 -21.05 -30.73
N ALA A 70 56.53 -21.37 -31.91
CA ALA A 70 57.96 -21.47 -32.14
C ALA A 70 58.63 -20.11 -32.27
N LEU A 71 57.93 -19.02 -31.93
CA LEU A 71 58.45 -17.67 -32.03
C LEU A 71 58.76 -17.14 -30.63
N THR A 72 59.50 -16.03 -30.59
CA THR A 72 59.91 -15.40 -29.35
C THR A 72 59.43 -13.96 -29.31
N ASP A 73 59.71 -13.29 -28.19
CA ASP A 73 59.28 -11.91 -27.98
C ASP A 73 60.43 -10.97 -27.68
N ASP A 74 61.68 -11.44 -27.78
CA ASP A 74 62.83 -10.61 -27.45
C ASP A 74 63.19 -9.62 -28.54
N ASN A 75 62.67 -9.79 -29.76
CA ASN A 75 62.94 -8.87 -30.85
C ASN A 75 61.62 -8.37 -31.41
N TRP A 76 61.68 -7.19 -32.03
CA TRP A 76 60.46 -6.49 -32.42
C TRP A 76 59.75 -7.19 -33.59
N GLN A 77 60.51 -7.77 -34.52
CA GLN A 77 59.91 -8.41 -35.68
C GLN A 77 59.10 -9.64 -35.29
N ASN A 78 59.68 -10.49 -34.43
CA ASN A 78 58.99 -11.72 -34.03
C ASN A 78 57.74 -11.40 -33.21
N ALA A 79 57.83 -10.42 -32.31
CA ALA A 79 56.64 -10.01 -31.56
C ALA A 79 55.59 -9.42 -32.49
N PHE A 80 56.01 -8.66 -33.48
CA PHE A 80 55.08 -8.09 -34.45
C PHE A 80 54.32 -9.21 -35.18
N ARG A 81 55.04 -10.18 -35.73
CA ARG A 81 54.38 -11.24 -36.48
C ARG A 81 53.55 -12.13 -35.56
N ARG A 82 53.97 -12.30 -34.31
CA ARG A 82 53.12 -13.00 -33.34
C ARG A 82 51.82 -12.26 -33.11
N GLY A 83 51.90 -10.93 -33.03
CA GLY A 83 50.69 -10.13 -32.89
C GLY A 83 49.75 -10.31 -34.07
N ILE A 84 50.31 -10.31 -35.29
CA ILE A 84 49.48 -10.58 -36.46
C ILE A 84 48.84 -11.96 -36.37
N LEU A 85 49.64 -12.97 -35.99
CA LEU A 85 49.16 -14.34 -36.04
C LEU A 85 48.06 -14.60 -35.01
N LEU A 86 48.20 -14.01 -33.81
CA LEU A 86 47.23 -14.26 -32.75
C LEU A 86 46.13 -13.20 -32.68
N ALA A 87 46.22 -12.12 -33.45
CA ALA A 87 45.22 -11.07 -33.37
C ALA A 87 43.90 -11.51 -34.00
N ASP A 88 43.95 -12.11 -35.19
CA ASP A 88 42.73 -12.53 -35.86
C ASP A 88 42.03 -13.66 -35.11
N ALA A 89 42.79 -14.47 -34.37
CA ALA A 89 42.19 -15.53 -33.59
C ALA A 89 41.32 -14.97 -32.48
N LYS A 90 40.23 -15.69 -32.18
CA LYS A 90 39.30 -15.27 -31.13
C LYS A 90 39.99 -15.47 -29.79
N ILE A 91 40.50 -14.39 -29.22
CA ILE A 91 41.24 -14.44 -27.97
C ILE A 91 40.60 -13.49 -26.96
N THR A 92 40.77 -13.81 -25.69
CA THR A 92 40.32 -12.96 -24.61
C THR A 92 41.20 -11.70 -24.52
N PRO A 93 40.62 -10.56 -24.13
CA PRO A 93 41.34 -9.28 -24.30
C PRO A 93 42.31 -8.93 -23.17
N PRO A 94 42.44 -9.72 -22.10
CA PRO A 94 43.62 -9.49 -21.23
C PRO A 94 44.95 -9.60 -21.95
N GLU A 95 45.20 -10.70 -22.68
CA GLU A 95 46.48 -10.78 -23.39
C GLU A 95 46.54 -9.83 -24.57
N ARG A 96 45.41 -9.47 -25.17
CA ARG A 96 45.42 -8.43 -26.19
C ARG A 96 45.87 -7.10 -25.61
N ARG A 97 45.35 -6.75 -24.43
CA ARG A 97 45.81 -5.54 -23.75
C ARG A 97 47.29 -5.64 -23.40
N ALA A 98 47.73 -6.83 -22.96
CA ALA A 98 49.14 -7.03 -22.64
C ALA A 98 50.02 -6.78 -23.85
N ILE A 99 49.64 -7.32 -25.01
CA ILE A 99 50.50 -7.17 -26.18
C ILE A 99 50.45 -5.74 -26.73
N VAL A 100 49.30 -5.06 -26.63
CA VAL A 100 49.28 -3.68 -27.12
C VAL A 100 49.97 -2.74 -26.15
N THR A 101 50.11 -3.14 -24.89
CA THR A 101 50.99 -2.39 -24.00
C THR A 101 52.46 -2.76 -24.20
N ARG A 102 52.74 -3.97 -24.68
CA ARG A 102 54.11 -4.40 -24.91
C ARG A 102 54.71 -3.80 -26.18
N LEU A 103 53.90 -3.59 -27.22
CA LEU A 103 54.48 -3.21 -28.51
C LEU A 103 55.09 -1.81 -28.48
N GLU A 104 55.06 -1.11 -27.35
CA GLU A 104 55.86 0.10 -27.21
C GLU A 104 57.35 -0.21 -27.30
N ALA A 105 57.77 -1.35 -26.78
CA ALA A 105 59.14 -1.80 -26.97
C ALA A 105 59.45 -2.01 -28.44
N LEU A 106 58.47 -2.54 -29.20
CA LEU A 106 58.64 -2.67 -30.64
C LEU A 106 58.78 -1.30 -31.30
N SER A 107 57.94 -0.35 -30.88
CA SER A 107 58.03 1.01 -31.40
C SER A 107 59.38 1.66 -31.08
N ALA A 108 60.01 1.21 -29.99
CA ALA A 108 61.30 1.78 -29.61
C ALA A 108 62.37 1.54 -30.70
N GLN A 109 62.26 0.45 -31.45
CA GLN A 109 63.18 0.17 -32.56
C GLN A 109 62.37 -0.25 -33.78
N ILE A 110 62.31 0.64 -34.78
CA ILE A 110 61.56 0.37 -36.00
C ILE A 110 62.00 1.33 -37.10
N PRO A 111 62.31 0.84 -38.30
CA PRO A 111 62.64 1.73 -39.41
C PRO A 111 61.40 2.43 -39.95
N ALA A 112 61.64 3.49 -40.73
CA ALA A 112 60.55 4.35 -41.18
C ALA A 112 59.64 3.64 -42.18
N GLN A 113 60.15 2.65 -42.90
CA GLN A 113 59.35 1.99 -43.93
C GLN A 113 58.15 1.26 -43.34
N VAL A 114 58.35 0.60 -42.20
CA VAL A 114 57.28 -0.20 -41.57
C VAL A 114 56.45 0.63 -40.60
N ARG A 115 56.87 1.86 -40.29
CA ARG A 115 56.09 2.72 -39.41
C ARG A 115 54.63 2.89 -39.84
N PRO A 116 54.30 3.12 -41.12
CA PRO A 116 52.87 3.29 -41.46
C PRO A 116 52.03 2.05 -41.16
N VAL A 117 52.47 0.87 -41.60
CA VAL A 117 51.68 -0.34 -41.37
C VAL A 117 51.62 -0.66 -39.88
N TYR A 118 52.71 -0.38 -39.14
CA TYR A 118 52.67 -0.53 -37.69
C TYR A 118 51.60 0.37 -37.09
N GLN A 119 51.53 1.62 -37.55
CA GLN A 119 50.52 2.54 -37.04
C GLN A 119 49.11 2.04 -37.34
N ILE A 120 48.88 1.56 -38.57
CA ILE A 120 47.56 1.05 -38.93
C ILE A 120 47.18 -0.15 -38.07
N TRP A 121 48.13 -1.07 -37.85
CA TRP A 121 47.85 -2.21 -37.00
C TRP A 121 47.55 -1.76 -35.57
N HIS A 122 48.27 -0.74 -35.09
CA HIS A 122 48.03 -0.23 -33.75
C HIS A 122 46.63 0.36 -33.64
N ASP A 123 46.20 1.12 -34.65
CA ASP A 123 44.82 1.63 -34.63
C ASP A 123 43.81 0.49 -34.66
N GLY A 124 44.06 -0.52 -35.50
CA GLY A 124 43.13 -1.64 -35.55
C GLY A 124 42.97 -2.31 -34.20
N GLN A 125 44.09 -2.59 -33.54
CA GLN A 125 44.03 -3.19 -32.20
C GLN A 125 43.37 -2.25 -31.21
N ALA A 126 43.60 -0.94 -31.35
CA ALA A 126 43.00 0.02 -30.44
C ALA A 126 41.48 0.01 -30.54
N LEU A 127 40.93 0.07 -31.75
CA LEU A 127 39.48 0.00 -31.86
C LEU A 127 38.96 -1.38 -31.50
N GLN A 128 39.75 -2.44 -31.70
CA GLN A 128 39.34 -3.76 -31.23
C GLN A 128 39.11 -3.76 -29.73
N LEU A 129 40.11 -3.31 -28.96
CA LEU A 129 39.98 -3.37 -27.52
C LEU A 129 38.96 -2.34 -27.03
N ALA A 130 38.81 -1.23 -27.76
CA ALA A 130 37.78 -0.25 -27.41
C ALA A 130 36.39 -0.85 -27.57
N LEU A 131 36.17 -1.60 -28.66
CA LEU A 131 34.89 -2.25 -28.85
C LEU A 131 34.65 -3.31 -27.77
N SER A 132 35.69 -4.06 -27.41
CA SER A 132 35.54 -5.05 -26.35
C SER A 132 35.19 -4.39 -25.02
N ALA A 133 35.86 -3.29 -24.69
CA ALA A 133 35.56 -2.58 -23.45
C ALA A 133 34.15 -1.99 -23.49
N GLU A 134 33.74 -1.49 -24.65
CA GLU A 134 32.39 -0.95 -24.78
C GLU A 134 31.34 -2.04 -24.57
N ARG A 135 31.56 -3.23 -25.15
CA ARG A 135 30.59 -4.30 -24.97
C ARG A 135 30.56 -4.81 -23.54
N GLN A 136 31.72 -4.83 -22.88
CA GLN A 136 31.71 -5.25 -21.47
C GLN A 136 31.02 -4.20 -20.60
N ARG A 137 31.20 -2.91 -20.92
CA ARG A 137 30.48 -1.86 -20.20
C ARG A 137 28.98 -1.98 -20.42
N TYR A 138 28.57 -2.29 -21.66
CA TYR A 138 27.16 -2.47 -21.97
C TYR A 138 26.58 -3.63 -21.18
N SER A 139 27.30 -4.75 -21.12
CA SER A 139 26.82 -5.88 -20.33
C SER A 139 26.72 -5.54 -18.85
N LYS A 140 27.71 -4.80 -18.32
CA LYS A 140 27.67 -4.41 -16.92
C LYS A 140 26.47 -3.51 -16.64
N LEU A 141 26.22 -2.53 -17.51
CA LEU A 141 25.06 -1.66 -17.31
C LEU A 141 23.76 -2.44 -17.42
N GLN A 142 23.68 -3.38 -18.35
CA GLN A 142 22.48 -4.19 -18.50
C GLN A 142 22.21 -5.00 -17.24
N GLN A 143 23.26 -5.64 -16.69
CA GLN A 143 23.05 -6.45 -15.50
C GLN A 143 22.73 -5.58 -14.29
N MET A 144 23.33 -4.39 -14.20
CA MET A 144 23.01 -3.48 -13.10
C MET A 144 21.55 -3.03 -13.19
N SER A 145 21.09 -2.70 -14.40
CA SER A 145 19.70 -2.30 -14.58
C SER A 145 18.75 -3.44 -14.24
N ASP A 146 19.09 -4.65 -14.65
CA ASP A 146 18.25 -5.80 -14.31
C ASP A 146 18.19 -6.01 -12.81
N SER A 147 19.32 -5.86 -12.12
CA SER A 147 19.34 -6.03 -10.68
C SER A 147 18.47 -4.98 -9.98
N GLU A 148 18.62 -3.71 -10.39
CA GLU A 148 17.83 -2.67 -9.73
C GLU A 148 16.36 -2.82 -10.05
N LEU A 149 16.03 -3.28 -11.26
CA LEU A 149 14.63 -3.53 -11.60
C LEU A 149 14.07 -4.67 -10.74
N ASP A 150 14.84 -5.72 -10.53
CA ASP A 150 14.39 -6.81 -9.65
C ASP A 150 14.16 -6.30 -8.24
N ALA A 151 15.09 -5.49 -7.72
CA ALA A 151 14.94 -4.98 -6.37
C ALA A 151 13.69 -4.10 -6.24
N LEU A 152 13.49 -3.20 -7.21
CA LEU A 152 12.31 -2.34 -7.15
C LEU A 152 11.03 -3.15 -7.30
N ARG A 153 11.05 -4.18 -8.13
CA ARG A 153 9.86 -5.03 -8.29
C ARG A 153 9.52 -5.76 -7.00
N GLN A 154 10.54 -6.29 -6.31
CA GLN A 154 10.25 -7.00 -5.06
C GLN A 154 9.79 -6.04 -3.97
N GLN A 155 10.36 -4.83 -3.93
CA GLN A 155 9.87 -3.83 -2.99
C GLN A 155 8.42 -3.47 -3.29
N GLN A 156 8.08 -3.32 -4.57
CA GLN A 156 6.71 -3.04 -4.96
C GLN A 156 5.78 -4.17 -4.55
N GLN A 157 6.22 -5.43 -4.72
CA GLN A 157 5.40 -6.55 -4.32
C GLN A 157 5.15 -6.55 -2.81
N ALA A 158 6.19 -6.25 -2.02
CA ALA A 158 6.03 -6.20 -0.58
C ALA A 158 5.03 -5.10 -0.18
N LEU A 159 5.17 -3.92 -0.78
CA LEU A 159 4.27 -2.83 -0.41
C LEU A 159 2.85 -3.10 -0.87
N GLN A 160 2.68 -3.77 -2.02
CA GLN A 160 1.35 -4.16 -2.47
C GLN A 160 0.72 -5.16 -1.51
N THR A 161 1.51 -6.12 -1.01
CA THR A 161 0.98 -7.06 -0.03
C THR A 161 0.58 -6.33 1.25
N GLN A 162 1.38 -5.35 1.67
CA GLN A 162 1.00 -4.56 2.84
C GLN A 162 -0.31 -3.82 2.63
N LEU A 163 -0.50 -3.24 1.44
CA LEU A 163 -1.76 -2.56 1.15
C LEU A 163 -2.92 -3.54 1.15
N ASP A 164 -2.70 -4.75 0.61
CA ASP A 164 -3.74 -5.76 0.63
C ASP A 164 -4.13 -6.12 2.07
N LEU A 165 -3.13 -6.27 2.94
CA LEU A 165 -3.41 -6.57 4.34
C LEU A 165 -4.22 -5.47 5.01
N THR A 166 -3.81 -4.21 4.80
CA THR A 166 -4.52 -3.12 5.45
C THR A 166 -5.94 -2.96 4.92
N THR A 167 -6.14 -3.12 3.60
CA THR A 167 -7.48 -3.00 3.07
C THR A 167 -8.36 -4.18 3.51
N ARG A 168 -7.77 -5.36 3.69
CA ARG A 168 -8.53 -6.47 4.24
C ARG A 168 -8.95 -6.19 5.68
N LYS A 169 -8.04 -5.60 6.47
CA LYS A 169 -8.40 -5.24 7.84
C LYS A 169 -9.53 -4.22 7.87
N LEU A 170 -9.45 -3.21 7.01
CA LEU A 170 -10.52 -2.20 6.95
C LEU A 170 -11.84 -2.83 6.55
N GLU A 171 -11.83 -3.69 5.53
CA GLU A 171 -13.06 -4.33 5.09
C GLU A 171 -13.67 -5.20 6.18
N SER A 172 -12.84 -5.98 6.86
CA SER A 172 -13.34 -6.83 7.93
C SER A 172 -13.92 -6.00 9.07
N LEU A 173 -13.25 -4.92 9.45
CA LEU A 173 -13.74 -4.08 10.54
C LEU A 173 -15.09 -3.47 10.18
N THR A 174 -15.21 -2.97 8.95
CA THR A 174 -16.50 -2.41 8.53
C THR A 174 -17.57 -3.49 8.51
N ASP A 175 -17.21 -4.71 8.12
CA ASP A 175 -18.19 -5.79 8.09
C ASP A 175 -18.69 -6.13 9.48
N ILE A 176 -17.79 -6.17 10.48
CA ILE A 176 -18.25 -6.44 11.84
C ILE A 176 -19.13 -5.31 12.35
N GLU A 177 -18.81 -4.06 12.00
CA GLU A 177 -19.67 -2.96 12.40
C GLU A 177 -21.06 -3.10 11.78
N ARG A 178 -21.12 -3.45 10.50
CA ARG A 178 -22.42 -3.64 9.84
C ARG A 178 -23.20 -4.79 10.47
N GLN A 179 -22.51 -5.89 10.77
CA GLN A 179 -23.19 -7.05 11.36
C GLN A 179 -23.77 -6.71 12.72
N LEU A 180 -23.00 -6.01 13.57
CA LEU A 180 -23.54 -5.64 14.88
C LEU A 180 -24.66 -4.61 14.75
N SER A 181 -24.58 -3.72 13.76
CA SER A 181 -25.67 -2.78 13.53
C SER A 181 -26.95 -3.50 13.12
N THR A 182 -26.84 -4.48 12.24
CA THR A 182 -28.01 -5.20 11.75
C THR A 182 -28.49 -6.26 12.73
N ARG A 183 -27.70 -6.59 13.77
CA ARG A 183 -28.19 -7.51 14.78
C ARG A 183 -29.40 -6.95 15.51
N LYS A 184 -29.38 -5.65 15.81
CA LYS A 184 -30.48 -5.00 16.51
C LYS A 184 -31.77 -5.05 15.69
N GLN B 22 60.06 -6.14 -59.22
CA GLN B 22 60.85 -4.96 -58.91
C GLN B 22 60.02 -3.68 -59.07
N LEU B 23 59.79 -2.99 -57.97
CA LEU B 23 58.99 -1.77 -57.94
C LEU B 23 59.83 -0.62 -57.38
N ALA B 24 59.68 0.56 -57.99
CA ALA B 24 60.43 1.72 -57.55
C ALA B 24 60.06 2.10 -56.12
N ASP B 25 61.06 2.58 -55.38
CA ASP B 25 60.88 2.95 -53.98
C ASP B 25 60.75 4.46 -53.87
N TYR B 26 59.74 4.91 -53.12
CA TYR B 26 59.48 6.32 -52.88
C TYR B 26 59.22 6.51 -51.38
N LEU B 27 60.16 6.02 -50.58
CA LEU B 27 60.00 6.00 -49.13
C LEU B 27 59.65 7.36 -48.51
N PRO B 28 60.25 8.48 -48.90
CA PRO B 28 59.82 9.77 -48.34
C PRO B 28 58.34 10.02 -48.64
N THR B 29 57.65 10.60 -47.66
CA THR B 29 56.21 10.82 -47.74
C THR B 29 55.96 12.26 -48.17
N ALA B 30 55.43 12.44 -49.38
CA ALA B 30 55.08 13.76 -49.92
C ALA B 30 53.66 13.67 -50.45
N CYS B 31 52.70 14.11 -49.62
CA CYS B 31 51.29 14.05 -49.98
C CYS B 31 50.87 15.17 -50.94
N ALA B 32 51.74 16.15 -51.17
CA ALA B 32 51.36 17.29 -52.00
C ALA B 32 51.15 16.90 -53.47
N ASP B 33 51.69 15.77 -53.91
CA ASP B 33 51.63 15.40 -55.32
C ASP B 33 51.05 14.01 -55.55
N ILE B 34 50.56 13.33 -54.51
CA ILE B 34 50.00 12.00 -54.71
C ILE B 34 48.67 12.07 -55.46
N TRP B 35 48.02 13.24 -55.47
CA TRP B 35 46.86 13.42 -56.35
C TRP B 35 47.31 13.66 -57.79
N SER B 36 48.45 14.34 -57.97
CA SER B 36 48.93 14.63 -59.30
C SER B 36 49.45 13.38 -60.00
N LEU B 37 50.06 12.45 -59.25
CA LEU B 37 50.53 11.22 -59.87
C LEU B 37 49.36 10.41 -60.43
N ARG B 38 48.21 10.43 -59.76
CA ARG B 38 46.95 9.84 -60.22
C ARG B 38 46.98 8.32 -60.30
N GLY B 39 48.11 7.68 -60.05
CA GLY B 39 48.16 6.24 -60.00
C GLY B 39 48.02 5.50 -61.31
N GLN B 40 48.33 6.15 -62.44
CA GLN B 40 48.26 5.43 -63.71
C GLN B 40 49.43 4.47 -63.88
N ALA B 41 50.57 4.76 -63.26
CA ALA B 41 51.75 3.92 -63.36
C ALA B 41 52.20 3.33 -62.02
N VAL B 42 51.62 3.78 -60.91
CA VAL B 42 51.95 3.28 -59.58
C VAL B 42 50.88 2.31 -59.06
N GLU B 43 49.97 1.87 -59.93
CA GLU B 43 48.88 0.99 -59.50
C GLU B 43 49.38 -0.35 -59.00
N THR B 44 50.62 -0.73 -59.29
CA THR B 44 51.16 -2.01 -58.85
C THR B 44 52.06 -1.89 -57.62
N ASN B 45 52.26 -0.68 -57.10
CA ASN B 45 53.19 -0.48 -55.99
C ASN B 45 52.36 -0.02 -54.79
N PRO B 46 52.09 -0.89 -53.82
CA PRO B 46 51.18 -0.51 -52.72
C PRO B 46 51.67 0.66 -51.89
N LEU B 47 53.00 0.87 -51.81
CA LEU B 47 53.55 1.93 -50.99
C LEU B 47 52.96 3.29 -51.35
N TYR B 48 52.40 3.43 -52.56
CA TYR B 48 51.67 4.64 -52.90
C TYR B 48 50.48 4.85 -51.97
N TRP B 49 49.62 3.83 -51.82
CA TRP B 49 48.49 3.99 -50.92
C TRP B 49 48.87 3.91 -49.44
N LEU B 50 49.97 3.23 -49.07
CA LEU B 50 50.43 3.45 -47.69
C LEU B 50 50.84 4.91 -47.47
N ARG B 51 51.46 5.55 -48.47
CA ARG B 51 51.75 6.97 -48.37
C ARG B 51 50.46 7.78 -48.25
N THR B 52 49.44 7.40 -49.04
CA THR B 52 48.17 8.14 -48.99
C THR B 52 47.54 8.06 -47.61
N ILE B 53 47.48 6.86 -47.03
CA ILE B 53 46.86 6.73 -45.71
C ILE B 53 47.69 7.44 -44.65
N ASP B 54 49.03 7.39 -44.78
CA ASP B 54 49.89 8.10 -43.84
C ASP B 54 49.64 9.60 -43.89
N CYS B 55 49.65 10.19 -45.10
CA CYS B 55 49.41 11.62 -45.23
C CYS B 55 47.97 11.99 -44.90
N ALA B 56 47.05 11.03 -44.95
CA ALA B 56 45.67 11.31 -44.57
C ALA B 56 45.51 11.38 -43.06
N ASP B 57 46.01 10.37 -42.34
CA ASP B 57 45.82 10.35 -40.89
C ASP B 57 46.80 11.27 -40.17
N ARG B 58 47.89 11.69 -40.82
CA ARG B 58 48.87 12.56 -40.19
C ARG B 58 48.60 14.04 -40.43
N LEU B 59 47.61 14.38 -41.25
CA LEU B 59 47.31 15.76 -41.59
C LEU B 59 45.98 16.19 -40.99
N MET B 60 45.73 17.49 -41.03
CA MET B 60 44.52 18.06 -40.44
C MET B 60 43.36 17.75 -41.38
N PRO B 61 42.35 17.02 -40.94
CA PRO B 61 41.35 16.49 -41.90
C PRO B 61 40.56 17.54 -42.67
N VAL B 62 40.56 18.81 -42.24
CA VAL B 62 39.74 19.81 -42.93
C VAL B 62 40.28 20.07 -44.33
N GLN B 63 41.61 20.11 -44.49
CA GLN B 63 42.17 20.28 -45.83
C GLN B 63 41.94 19.03 -46.68
N SER B 64 41.95 17.84 -46.05
CA SER B 64 41.63 16.62 -46.77
C SER B 64 40.21 16.67 -47.31
N ARG B 65 39.25 17.12 -46.49
CA ARG B 65 37.88 17.24 -46.95
C ARG B 65 37.75 18.29 -48.05
N ALA B 66 38.46 19.42 -47.89
CA ALA B 66 38.40 20.47 -48.89
C ALA B 66 38.92 19.99 -50.24
N GLU B 67 40.02 19.23 -50.23
CA GLU B 67 40.55 18.71 -51.49
C GLU B 67 39.69 17.57 -52.04
N ALA B 68 39.06 16.78 -51.16
CA ALA B 68 38.23 15.68 -51.63
C ALA B 68 36.90 16.15 -52.18
N ARG B 69 36.46 17.37 -51.82
CA ARG B 69 35.23 17.90 -52.37
C ARG B 69 35.29 17.98 -53.90
N ALA B 70 36.45 18.34 -54.44
CA ALA B 70 36.62 18.53 -55.87
C ALA B 70 37.08 17.28 -56.59
N LEU B 71 37.24 16.16 -55.89
CA LEU B 71 37.69 14.93 -56.52
C LEU B 71 36.54 14.18 -57.16
N THR B 72 36.88 13.29 -58.08
CA THR B 72 35.88 12.50 -58.79
C THR B 72 35.29 11.43 -57.87
N ASP B 73 34.05 11.06 -58.14
CA ASP B 73 33.34 10.07 -57.35
C ASP B 73 33.09 8.76 -58.07
N ASP B 74 32.87 8.78 -59.39
CA ASP B 74 32.57 7.56 -60.13
C ASP B 74 33.81 6.70 -60.34
N ASN B 75 34.98 7.30 -60.50
CA ASN B 75 36.19 6.52 -60.72
C ASN B 75 36.55 5.75 -59.46
N TRP B 76 37.01 4.50 -59.65
CA TRP B 76 37.26 3.62 -58.51
C TRP B 76 38.40 4.14 -57.65
N GLN B 77 39.52 4.53 -58.29
CA GLN B 77 40.63 5.08 -57.53
C GLN B 77 40.28 6.41 -56.89
N ASN B 78 39.55 7.26 -57.62
CA ASN B 78 39.15 8.55 -57.07
C ASN B 78 38.21 8.38 -55.88
N ALA B 79 37.24 7.47 -56.00
CA ALA B 79 36.35 7.20 -54.88
C ALA B 79 37.10 6.60 -53.69
N PHE B 80 38.06 5.71 -53.97
CA PHE B 80 38.88 5.14 -52.91
C PHE B 80 39.63 6.23 -52.15
N ARG B 81 40.34 7.08 -52.88
CA ARG B 81 41.10 8.15 -52.22
C ARG B 81 40.18 9.15 -51.53
N ARG B 82 39.00 9.41 -52.09
CA ARG B 82 38.04 10.25 -51.40
C ARG B 82 37.65 9.63 -50.07
N GLY B 83 37.38 8.33 -50.06
CA GLY B 83 37.04 7.66 -48.81
C GLY B 83 38.13 7.77 -47.77
N ILE B 84 39.39 7.58 -48.18
CA ILE B 84 40.49 7.72 -47.23
C ILE B 84 40.56 9.15 -46.70
N LEU B 85 40.45 10.14 -47.59
CA LEU B 85 40.67 11.52 -47.16
C LEU B 85 39.51 12.07 -46.32
N LEU B 86 38.29 11.57 -46.49
CA LEU B 86 37.21 12.00 -45.61
C LEU B 86 36.85 10.95 -44.56
N ALA B 87 37.71 9.94 -44.37
CA ALA B 87 37.45 8.90 -43.37
C ALA B 87 37.46 9.44 -41.94
N ASP B 88 37.94 10.65 -41.72
CA ASP B 88 38.09 11.23 -40.39
C ASP B 88 37.20 12.48 -40.27
N ALA B 89 37.45 13.24 -39.20
CA ALA B 89 36.77 14.50 -38.90
C ALA B 89 35.35 14.27 -38.40
N LYS B 90 35.13 13.16 -37.70
CA LYS B 90 33.89 12.88 -36.99
C LYS B 90 32.68 12.98 -37.92
N ILE B 91 32.65 12.07 -38.89
CA ILE B 91 31.57 12.01 -39.87
C ILE B 91 30.51 11.02 -39.37
N THR B 92 29.27 11.27 -39.74
CA THR B 92 28.16 10.52 -39.15
C THR B 92 28.13 9.08 -39.67
N PRO B 93 27.74 8.12 -38.84
CA PRO B 93 27.78 6.70 -39.23
C PRO B 93 26.93 6.37 -40.45
N PRO B 94 25.74 7.00 -40.66
CA PRO B 94 24.94 6.64 -41.84
C PRO B 94 25.68 6.77 -43.17
N GLU B 95 26.22 7.95 -43.46
CA GLU B 95 26.98 8.10 -44.69
C GLU B 95 28.26 7.26 -44.65
N ARG B 96 28.75 6.92 -43.46
CA ARG B 96 29.92 6.04 -43.37
C ARG B 96 29.61 4.66 -43.93
N ARG B 97 28.51 4.05 -43.46
CA ARG B 97 28.13 2.75 -44.01
C ARG B 97 27.76 2.88 -45.48
N ALA B 98 27.14 4.01 -45.86
CA ALA B 98 26.82 4.23 -47.26
C ALA B 98 28.07 4.21 -48.13
N ILE B 99 29.12 4.91 -47.70
CA ILE B 99 30.32 5.00 -48.52
C ILE B 99 31.08 3.68 -48.54
N VAL B 100 31.14 2.97 -47.40
CA VAL B 100 31.86 1.70 -47.45
C VAL B 100 31.12 0.71 -48.34
N THR B 101 29.78 0.74 -48.31
CA THR B 101 29.03 -0.06 -49.28
C THR B 101 29.26 0.41 -50.71
N ARG B 102 29.52 1.70 -50.90
CA ARG B 102 29.83 2.21 -52.24
C ARG B 102 31.14 1.63 -52.75
N LEU B 103 32.19 1.64 -51.92
CA LEU B 103 33.44 0.98 -52.29
C LEU B 103 33.26 -0.53 -52.47
N GLU B 104 32.38 -1.15 -51.69
CA GLU B 104 32.09 -2.56 -51.91
C GLU B 104 31.44 -2.80 -53.27
N ALA B 105 30.56 -1.90 -53.69
CA ALA B 105 30.01 -1.96 -55.04
C ALA B 105 31.11 -1.79 -56.08
N LEU B 106 32.05 -0.88 -55.83
CA LEU B 106 33.18 -0.66 -56.72
C LEU B 106 34.38 -1.55 -56.37
N SER B 107 34.19 -2.56 -55.53
CA SER B 107 35.27 -3.45 -55.15
C SER B 107 35.69 -4.41 -56.26
N ALA B 108 35.08 -4.31 -57.44
CA ALA B 108 35.43 -5.20 -58.54
C ALA B 108 36.71 -4.77 -59.26
N GLN B 109 37.16 -3.53 -59.08
CA GLN B 109 38.32 -3.01 -59.80
C GLN B 109 39.59 -3.03 -58.97
N ILE B 110 39.58 -3.69 -57.82
CA ILE B 110 40.75 -3.67 -56.93
C ILE B 110 41.85 -4.55 -57.51
N PRO B 111 43.07 -4.05 -57.68
CA PRO B 111 44.17 -4.90 -58.13
C PRO B 111 44.54 -5.94 -57.07
N ALA B 112 45.14 -7.03 -57.54
CA ALA B 112 45.54 -8.10 -56.63
C ALA B 112 46.60 -7.62 -55.66
N GLN B 113 47.57 -6.85 -56.14
CA GLN B 113 48.60 -6.30 -55.25
C GLN B 113 48.01 -5.32 -54.24
N VAL B 114 46.98 -4.57 -54.65
CA VAL B 114 46.36 -3.57 -53.77
C VAL B 114 45.23 -4.17 -52.93
N ARG B 115 44.90 -5.44 -53.15
CA ARG B 115 43.82 -6.07 -52.40
C ARG B 115 44.04 -6.06 -50.89
N PRO B 116 45.21 -6.45 -50.35
CA PRO B 116 45.34 -6.52 -48.88
C PRO B 116 45.08 -5.21 -48.16
N VAL B 117 45.56 -4.09 -48.70
CA VAL B 117 45.35 -2.81 -48.04
C VAL B 117 43.87 -2.44 -48.08
N TYR B 118 43.20 -2.74 -49.20
CA TYR B 118 41.76 -2.54 -49.27
C TYR B 118 41.04 -3.38 -48.22
N GLN B 119 41.45 -4.63 -48.05
CA GLN B 119 40.80 -5.49 -47.07
C GLN B 119 40.98 -4.96 -45.66
N ILE B 120 42.21 -4.55 -45.31
CA ILE B 120 42.44 -4.07 -43.94
C ILE B 120 41.72 -2.74 -43.71
N TRP B 121 41.70 -1.86 -44.71
CA TRP B 121 40.98 -0.61 -44.57
C TRP B 121 39.49 -0.85 -44.39
N HIS B 122 38.92 -1.77 -45.17
CA HIS B 122 37.50 -2.08 -45.03
C HIS B 122 37.22 -2.71 -43.67
N ASP B 123 38.11 -3.58 -43.19
CA ASP B 123 37.91 -4.17 -41.87
C ASP B 123 37.90 -3.08 -40.80
N GLY B 124 38.85 -2.16 -40.86
CA GLY B 124 38.88 -1.08 -39.89
C GLY B 124 37.64 -0.22 -39.94
N GLN B 125 37.22 0.17 -41.14
CA GLN B 125 36.06 1.05 -41.27
C GLN B 125 34.79 0.35 -40.81
N ALA B 126 34.58 -0.91 -41.25
CA ALA B 126 33.38 -1.64 -40.86
C ALA B 126 33.35 -1.88 -39.35
N LEU B 127 34.51 -2.15 -38.74
CA LEU B 127 34.53 -2.31 -37.29
C LEU B 127 34.27 -0.98 -36.59
N GLN B 128 34.69 0.13 -37.19
CA GLN B 128 34.33 1.43 -36.64
C GLN B 128 32.82 1.64 -36.67
N LEU B 129 32.18 1.28 -37.78
CA LEU B 129 30.72 1.35 -37.84
C LEU B 129 30.08 0.45 -36.79
N ALA B 130 30.63 -0.74 -36.60
CA ALA B 130 30.10 -1.65 -35.60
C ALA B 130 30.24 -1.05 -34.20
N LEU B 131 31.36 -0.41 -33.92
CA LEU B 131 31.54 0.24 -32.63
C LEU B 131 30.54 1.37 -32.42
N SER B 132 30.31 2.17 -33.47
CA SER B 132 29.31 3.24 -33.35
C SER B 132 27.91 2.67 -33.12
N ALA B 133 27.57 1.60 -33.84
CA ALA B 133 26.27 0.96 -33.66
C ALA B 133 26.14 0.39 -32.25
N GLU B 134 27.22 -0.16 -31.72
CA GLU B 134 27.20 -0.67 -30.35
C GLU B 134 27.00 0.45 -29.36
N ARG B 135 27.64 1.60 -29.58
CA ARG B 135 27.43 2.76 -28.72
C ARG B 135 25.97 3.20 -28.76
N GLN B 136 25.38 3.25 -29.96
CA GLN B 136 23.98 3.62 -30.08
C GLN B 136 23.08 2.62 -29.35
N ARG B 137 23.37 1.32 -29.49
CA ARG B 137 22.59 0.30 -28.82
C ARG B 137 22.68 0.44 -27.30
N TYR B 138 23.90 0.69 -26.79
CA TYR B 138 24.07 0.87 -25.36
C TYR B 138 23.31 2.08 -24.85
N SER B 139 23.36 3.19 -25.59
CA SER B 139 22.61 4.37 -25.19
C SER B 139 21.11 4.11 -25.19
N LYS B 140 20.63 3.40 -26.22
CA LYS B 140 19.21 3.08 -26.29
C LYS B 140 18.78 2.20 -25.13
N LEU B 141 19.57 1.16 -24.82
CA LEU B 141 19.22 0.28 -23.71
C LEU B 141 19.22 1.04 -22.39
N GLN B 142 20.20 1.94 -22.22
CA GLN B 142 20.23 2.75 -21.01
C GLN B 142 18.99 3.64 -20.91
N GLN B 143 18.54 4.20 -22.02
CA GLN B 143 17.41 5.11 -21.95
C GLN B 143 16.09 4.37 -21.72
N MET B 144 15.90 3.18 -22.31
CA MET B 144 14.76 2.35 -21.91
C MET B 144 14.84 1.95 -20.44
N SER B 145 16.03 1.64 -19.95
CA SER B 145 16.16 1.29 -18.54
C SER B 145 15.76 2.45 -17.65
N ASP B 146 16.20 3.66 -17.99
CA ASP B 146 15.84 4.83 -17.19
C ASP B 146 14.35 5.10 -17.26
N SER B 147 13.74 4.95 -18.44
CA SER B 147 12.30 5.15 -18.57
C SER B 147 11.53 4.15 -17.71
N GLU B 148 11.93 2.87 -17.75
CA GLU B 148 11.23 1.86 -16.96
C GLU B 148 11.44 2.10 -15.47
N LEU B 149 12.63 2.56 -15.09
CA LEU B 149 12.87 2.89 -13.68
C LEU B 149 11.99 4.04 -13.23
N ASP B 150 11.83 5.07 -14.07
CA ASP B 150 10.96 6.18 -13.74
C ASP B 150 9.52 5.70 -13.59
N ALA B 151 9.06 4.86 -14.51
CA ALA B 151 7.69 4.36 -14.44
C ALA B 151 7.46 3.55 -13.18
N LEU B 152 8.40 2.66 -12.85
CA LEU B 152 8.24 1.85 -11.64
C LEU B 152 8.30 2.71 -10.39
N ARG B 153 9.16 3.74 -10.39
CA ARG B 153 9.24 4.62 -9.23
C ARG B 153 7.92 5.38 -9.02
N GLN B 154 7.34 5.89 -10.10
CA GLN B 154 6.08 6.62 -9.94
C GLN B 154 4.94 5.70 -9.54
N GLN B 155 4.93 4.47 -10.07
CA GLN B 155 3.93 3.50 -9.63
C GLN B 155 4.08 3.16 -8.15
N GLN B 156 5.33 3.00 -7.70
CA GLN B 156 5.58 2.76 -6.29
C GLN B 156 5.14 3.93 -5.43
N GLN B 157 5.38 5.15 -5.91
CA GLN B 157 4.92 6.33 -5.17
C GLN B 157 3.41 6.35 -5.04
N ALA B 158 2.69 6.02 -6.13
CA ALA B 158 1.23 5.98 -6.07
C ALA B 158 0.75 4.91 -5.09
N LEU B 159 1.35 3.72 -5.13
CA LEU B 159 0.90 2.68 -4.23
C LEU B 159 1.24 3.01 -2.78
N GLN B 160 2.37 3.69 -2.56
CA GLN B 160 2.74 4.11 -1.21
C GLN B 160 1.76 5.15 -0.66
N THR B 161 1.36 6.12 -1.49
CA THR B 161 0.39 7.09 -1.01
C THR B 161 -0.97 6.44 -0.76
N GLN B 162 -1.34 5.45 -1.57
CA GLN B 162 -2.56 4.70 -1.29
C GLN B 162 -2.46 3.99 0.06
N LEU B 163 -1.31 3.36 0.34
CA LEU B 163 -1.15 2.65 1.60
C LEU B 163 -1.21 3.60 2.79
N ASP B 164 -0.56 4.76 2.69
CA ASP B 164 -0.59 5.66 3.84
C ASP B 164 -1.97 6.27 4.03
N LEU B 165 -2.71 6.49 2.94
CA LEU B 165 -4.11 6.91 3.08
C LEU B 165 -4.93 5.85 3.80
N THR B 166 -4.77 4.58 3.43
CA THR B 166 -5.53 3.52 4.07
C THR B 166 -5.15 3.39 5.55
N THR B 167 -3.86 3.46 5.86
CA THR B 167 -3.47 3.36 7.28
C THR B 167 -3.93 4.58 8.07
N ARG B 168 -4.03 5.75 7.43
CA ARG B 168 -4.62 6.90 8.10
C ARG B 168 -6.08 6.67 8.41
N LYS B 169 -6.81 6.07 7.46
CA LYS B 169 -8.22 5.76 7.72
C LYS B 169 -8.35 4.77 8.88
N LEU B 170 -7.51 3.74 8.91
CA LEU B 170 -7.55 2.78 10.00
C LEU B 170 -7.24 3.44 11.34
N GLU B 171 -6.22 4.29 11.38
CA GLU B 171 -5.87 4.99 12.62
C GLU B 171 -7.02 5.87 13.08
N SER B 172 -7.66 6.57 12.14
CA SER B 172 -8.79 7.42 12.51
C SER B 172 -9.94 6.60 13.08
N LEU B 173 -10.24 5.44 12.47
CA LEU B 173 -11.30 4.59 12.99
C LEU B 173 -10.99 4.15 14.42
N THR B 174 -9.76 3.69 14.65
CA THR B 174 -9.38 3.28 16.00
C THR B 174 -9.48 4.44 16.98
N ASP B 175 -9.11 5.65 16.53
CA ASP B 175 -9.17 6.81 17.41
C ASP B 175 -10.60 7.16 17.79
N ILE B 176 -11.53 7.10 16.84
CA ILE B 176 -12.92 7.38 17.20
C ILE B 176 -13.47 6.31 18.12
N GLU B 177 -13.06 5.05 17.94
CA GLU B 177 -13.47 4.02 18.88
C GLU B 177 -12.96 4.33 20.29
N ARG B 178 -11.70 4.73 20.39
CA ARG B 178 -11.14 5.09 21.71
C ARG B 178 -11.89 6.26 22.32
N GLN B 179 -12.19 7.29 21.50
CA GLN B 179 -12.86 8.47 22.02
C GLN B 179 -14.25 8.14 22.53
N LEU B 180 -15.01 7.34 21.78
CA LEU B 180 -16.35 6.99 22.23
C LEU B 180 -16.31 6.06 23.44
N SER B 181 -15.31 5.18 23.53
CA SER B 181 -15.16 4.38 24.73
C SER B 181 -14.88 5.25 25.94
N THR B 182 -14.01 6.24 25.79
CA THR B 182 -13.72 7.15 26.89
C THR B 182 -14.89 8.07 27.20
N ARG B 183 -15.81 8.27 26.26
CA ARG B 183 -16.98 9.10 26.53
C ARG B 183 -17.83 8.52 27.65
N LYS B 184 -18.02 7.20 27.66
CA LYS B 184 -18.80 6.54 28.70
C LYS B 184 -18.14 6.67 30.06
N LEU C 26 -70.51 5.57 59.14
CA LEU C 26 -71.63 4.81 58.61
C LEU C 26 -71.21 4.02 57.36
N LEU C 27 -72.14 3.23 56.82
CA LEU C 27 -71.82 2.35 55.70
C LEU C 27 -71.45 3.15 54.45
N VAL C 28 -71.96 4.38 54.32
CA VAL C 28 -71.59 5.22 53.17
C VAL C 28 -70.10 5.51 53.20
N LEU C 29 -69.55 5.78 54.39
CA LEU C 29 -68.12 6.02 54.52
C LEU C 29 -67.32 4.79 54.08
N ALA C 30 -67.77 3.59 54.48
CA ALA C 30 -67.07 2.38 54.09
C ALA C 30 -67.15 2.15 52.58
N TRP C 31 -68.31 2.41 51.98
CA TRP C 31 -68.43 2.28 50.53
C TRP C 31 -67.52 3.25 49.80
N GLN C 32 -67.46 4.50 50.28
CA GLN C 32 -66.57 5.48 49.68
C GLN C 32 -65.11 5.05 49.83
N ALA C 33 -64.75 4.52 50.99
CA ALA C 33 -63.39 4.04 51.19
C ALA C 33 -63.05 2.90 50.24
N TRP C 34 -63.99 1.97 50.06
CA TRP C 34 -63.78 0.85 49.14
C TRP C 34 -63.57 1.34 47.71
N GLN C 35 -64.44 2.24 47.24
CA GLN C 35 -64.31 2.75 45.88
C GLN C 35 -63.02 3.53 45.70
N SER C 36 -62.66 4.35 46.69
CA SER C 36 -61.40 5.10 46.62
C SER C 36 -60.21 4.16 46.59
N LEU C 37 -60.25 3.07 47.37
CA LEU C 37 -59.15 2.13 47.38
C LEU C 37 -59.02 1.41 46.04
N ASN C 38 -60.15 1.03 45.43
CA ASN C 38 -60.08 0.39 44.12
C ASN C 38 -59.52 1.35 43.07
N ALA C 39 -59.97 2.61 43.09
CA ALA C 39 -59.42 3.59 42.17
C ALA C 39 -57.93 3.80 42.41
N LEU C 40 -57.52 3.79 43.68
CA LEU C 40 -56.11 3.93 44.01
C LEU C 40 -55.30 2.75 43.49
N SER C 41 -55.87 1.54 43.57
CA SER C 41 -55.19 0.37 43.01
C SER C 41 -55.00 0.52 41.51
N ASP C 42 -56.04 0.96 40.81
CA ASP C 42 -55.93 1.17 39.36
C ASP C 42 -54.85 2.21 39.08
N GLN C 43 -54.84 3.30 39.85
CA GLN C 43 -53.82 4.33 39.68
C GLN C 43 -52.43 3.79 39.91
N ALA C 44 -52.25 2.97 40.95
CA ALA C 44 -50.94 2.41 41.24
C ALA C 44 -50.46 1.51 40.09
N ALA C 45 -51.35 0.66 39.57
CA ALA C 45 -50.95 -0.23 38.49
C ALA C 45 -50.55 0.57 37.24
N VAL C 46 -51.36 1.55 36.86
CA VAL C 46 -51.07 2.30 35.65
C VAL C 46 -49.82 3.15 35.83
N THR C 47 -49.62 3.71 37.02
CA THR C 47 -48.41 4.48 37.29
C THR C 47 -47.17 3.61 37.20
N ASN C 48 -47.24 2.40 37.78
CA ASN C 48 -46.10 1.50 37.68
C ASN C 48 -45.76 1.17 36.24
N ARG C 49 -46.77 0.81 35.45
CA ARG C 49 -46.52 0.43 34.06
C ARG C 49 -45.95 1.61 33.27
N SER C 50 -46.56 2.79 33.41
CA SER C 50 -46.11 3.95 32.65
C SER C 50 -44.70 4.35 33.05
N THR C 51 -44.38 4.29 34.35
CA THR C 51 -43.05 4.64 34.81
C THR C 51 -42.00 3.67 34.26
N LEU C 52 -42.32 2.37 34.28
CA LEU C 52 -41.38 1.39 33.76
C LEU C 52 -41.13 1.61 32.27
N ILE C 53 -42.19 1.85 31.49
CA ILE C 53 -42.01 2.06 30.07
C ILE C 53 -41.25 3.37 29.81
N ASP C 54 -41.45 4.38 30.65
CA ASP C 54 -40.71 5.62 30.48
C ASP C 54 -39.22 5.42 30.72
N ALA C 55 -38.86 4.68 31.77
CA ALA C 55 -37.46 4.40 32.03
C ALA C 55 -36.82 3.63 30.88
N ARG C 56 -37.51 2.60 30.39
CA ARG C 56 -36.98 1.84 29.26
C ARG C 56 -36.80 2.72 28.03
N ARG C 57 -37.78 3.59 27.76
CA ARG C 57 -37.70 4.46 26.59
C ARG C 57 -36.52 5.42 26.71
N SER C 58 -36.29 5.98 27.91
CA SER C 58 -35.17 6.89 28.08
C SER C 58 -33.84 6.18 27.88
N GLU C 59 -33.70 4.97 28.42
CA GLU C 59 -32.44 4.25 28.25
C GLU C 59 -32.19 3.92 26.78
N ALA C 60 -33.22 3.46 26.07
CA ALA C 60 -33.06 3.20 24.64
C ALA C 60 -32.75 4.50 23.89
N MET C 61 -33.29 5.62 24.36
CA MET C 61 -32.99 6.91 23.75
C MET C 61 -31.50 7.23 23.83
N THR C 62 -30.93 7.10 25.02
CA THR C 62 -29.51 7.40 25.18
C THR C 62 -28.65 6.44 24.38
N ASN C 63 -29.00 5.16 24.38
CA ASN C 63 -28.23 4.19 23.59
C ASN C 63 -28.28 4.53 22.10
N VAL C 64 -29.46 4.91 21.60
CA VAL C 64 -29.57 5.26 20.19
C VAL C 64 -28.79 6.53 19.89
N ALA C 65 -28.72 7.47 20.83
CA ALA C 65 -27.90 8.65 20.62
C ALA C 65 -26.42 8.28 20.48
N LEU C 66 -25.94 7.39 21.35
CA LEU C 66 -24.55 6.94 21.25
C LEU C 66 -24.29 6.25 19.92
N GLU C 67 -25.19 5.38 19.50
CA GLU C 67 -25.04 4.72 18.21
C GLU C 67 -25.09 5.74 17.07
N MET C 68 -25.87 6.80 17.23
CA MET C 68 -25.91 7.86 16.24
C MET C 68 -24.54 8.49 16.08
N GLU C 69 -23.91 8.83 17.20
CA GLU C 69 -22.58 9.44 17.16
C GLU C 69 -21.60 8.51 16.47
N ARG C 70 -21.62 7.22 16.84
CA ARG C 70 -20.67 6.27 16.26
C ARG C 70 -20.89 6.14 14.76
N SER C 71 -22.14 6.03 14.32
CA SER C 71 -22.42 5.89 12.90
C SER C 71 -22.02 7.14 12.13
N TYR C 72 -22.27 8.31 12.70
CA TYR C 72 -21.86 9.55 12.04
C TYR C 72 -20.35 9.59 11.82
N ARG C 73 -19.58 9.32 12.89
CA ARG C 73 -18.14 9.38 12.77
C ARG C 73 -17.61 8.33 11.78
N GLN C 74 -18.13 7.11 11.86
CA GLN C 74 -17.65 6.06 10.96
C GLN C 74 -17.98 6.36 9.51
N TYR C 75 -19.19 6.86 9.23
CA TYR C 75 -19.52 7.22 7.87
C TYR C 75 -18.65 8.36 7.37
N CYS C 76 -18.38 9.35 8.22
CA CYS C 76 -17.53 10.45 7.78
C CYS C 76 -16.13 9.96 7.47
N VAL C 77 -15.60 9.02 8.25
CA VAL C 77 -14.26 8.52 8.00
C VAL C 77 -14.23 7.67 6.74
N LEU C 78 -15.23 6.81 6.54
CA LEU C 78 -15.17 5.82 5.46
C LEU C 78 -15.88 6.24 4.19
N ASP C 79 -16.86 7.13 4.27
CA ASP C 79 -17.61 7.59 3.10
C ASP C 79 -18.25 6.41 2.35
N ASP C 80 -19.13 5.71 3.06
CA ASP C 80 -19.82 4.54 2.53
C ASP C 80 -21.32 4.80 2.54
N PRO C 81 -22.01 4.76 1.40
CA PRO C 81 -23.46 5.00 1.40
C PRO C 81 -24.24 4.02 2.25
N THR C 82 -23.74 2.79 2.43
CA THR C 82 -24.41 1.83 3.29
C THR C 82 -24.44 2.32 4.74
N LEU C 83 -23.32 2.86 5.22
CA LEU C 83 -23.30 3.49 6.53
C LEU C 83 -24.30 4.63 6.59
N ALA C 84 -24.44 5.39 5.50
CA ALA C 84 -25.41 6.46 5.46
C ALA C 84 -26.84 5.93 5.62
N LYS C 85 -27.16 4.82 4.93
CA LYS C 85 -28.49 4.24 5.06
C LYS C 85 -28.74 3.74 6.47
N VAL C 86 -27.73 3.12 7.08
CA VAL C 86 -27.87 2.67 8.48
C VAL C 86 -28.13 3.87 9.38
N TYR C 87 -27.41 4.96 9.15
CA TYR C 87 -27.60 6.17 9.95
C TYR C 87 -29.01 6.73 9.75
N GLN C 88 -29.52 6.69 8.52
CA GLN C 88 -30.88 7.14 8.27
C GLN C 88 -31.89 6.31 9.05
N SER C 89 -31.71 4.98 9.06
CA SER C 89 -32.61 4.12 9.80
C SER C 89 -32.56 4.42 11.29
N GLN C 90 -31.36 4.60 11.83
CA GLN C 90 -31.23 4.93 13.25
C GLN C 90 -31.87 6.28 13.56
N ARG C 91 -31.71 7.25 12.66
CA ARG C 91 -32.31 8.56 12.88
C ARG C 91 -33.82 8.48 12.89
N LYS C 92 -34.39 7.66 11.99
CA LYS C 92 -35.84 7.48 12.00
C LYS C 92 -36.31 6.82 13.29
N ARG C 93 -35.56 5.82 13.76
CA ARG C 93 -35.93 5.17 15.02
C ARG C 93 -35.89 6.16 16.18
N TYR C 94 -34.85 6.98 16.24
CA TYR C 94 -34.75 7.98 17.30
C TYR C 94 -35.85 9.02 17.19
N SER C 95 -36.23 9.39 15.96
CA SER C 95 -37.32 10.33 15.77
C SER C 95 -38.63 9.77 16.29
N ASP C 96 -38.88 8.50 16.02
CA ASP C 96 -40.08 7.87 16.55
C ASP C 96 -40.02 7.92 18.06
N MET C 97 -38.92 7.45 18.64
CA MET C 97 -38.81 7.41 20.09
C MET C 97 -39.03 8.78 20.71
N LEU C 98 -38.48 9.82 20.10
CA LEU C 98 -38.67 11.19 20.59
C LEU C 98 -40.13 11.60 20.49
N ASP C 99 -40.79 11.24 19.37
CA ASP C 99 -42.20 11.54 19.22
C ASP C 99 -43.06 10.83 20.25
N ALA C 100 -42.63 9.64 20.70
CA ALA C 100 -43.36 8.87 21.68
C ALA C 100 -42.96 9.21 23.12
N HIS C 101 -42.44 10.42 23.36
CA HIS C 101 -42.03 10.80 24.70
C HIS C 101 -42.37 12.25 25.03
N ALA C 102 -43.12 12.94 24.17
CA ALA C 102 -43.36 14.36 24.37
C ALA C 102 -44.22 14.62 25.61
N GLY C 103 -45.22 13.78 25.86
CA GLY C 103 -46.21 14.06 26.87
C GLY C 103 -45.81 13.84 28.30
N VAL C 104 -44.61 13.34 28.56
CA VAL C 104 -44.19 13.03 29.92
C VAL C 104 -43.43 14.19 30.56
N LEU C 105 -42.47 14.75 29.84
CA LEU C 105 -41.66 15.82 30.40
C LEU C 105 -42.50 17.08 30.60
N PRO C 106 -42.52 17.67 31.80
CA PRO C 106 -43.36 18.85 32.02
C PRO C 106 -43.01 20.04 31.14
N ASP C 107 -41.74 20.25 30.85
CA ASP C 107 -41.34 21.37 30.01
C ASP C 107 -41.20 20.92 28.55
N ASP C 108 -41.29 21.90 27.64
CA ASP C 108 -41.28 21.63 26.22
C ASP C 108 -40.08 22.22 25.49
N LYS C 109 -39.38 23.19 26.07
CA LYS C 109 -38.28 23.84 25.37
C LYS C 109 -37.16 22.86 25.06
N LEU C 110 -36.80 22.01 26.02
CA LEU C 110 -35.66 21.13 25.83
C LEU C 110 -36.02 19.96 24.90
N TYR C 111 -37.26 19.46 25.01
CA TYR C 111 -37.71 18.44 24.08
C TYR C 111 -37.76 18.97 22.65
N GLN C 112 -38.24 20.20 22.47
CA GLN C 112 -38.26 20.79 21.14
C GLN C 112 -36.84 21.03 20.64
N ALA C 113 -35.92 21.38 21.54
CA ALA C 113 -34.53 21.51 21.16
C ALA C 113 -33.97 20.19 20.65
N LEU C 114 -34.30 19.08 21.34
CA LEU C 114 -33.86 17.78 20.85
C LEU C 114 -34.46 17.47 19.49
N ARG C 115 -35.75 17.79 19.31
CA ARG C 115 -36.38 17.53 18.02
C ARG C 115 -35.69 18.30 16.90
N GLN C 116 -35.41 19.58 17.14
CA GLN C 116 -34.75 20.40 16.14
C GLN C 116 -33.34 19.90 15.87
N ASP C 117 -32.60 19.54 16.91
CA ASP C 117 -31.24 19.04 16.73
C ASP C 117 -31.23 17.75 15.93
N LEU C 118 -32.15 16.83 16.24
CA LEU C 118 -32.22 15.58 15.51
C LEU C 118 -32.59 15.82 14.06
N ASN C 119 -33.55 16.70 13.80
CA ASN C 119 -33.93 16.98 12.41
C ASN C 119 -32.78 17.61 11.63
N ALA C 120 -32.05 18.54 12.26
CA ALA C 120 -30.94 19.19 11.57
C ALA C 120 -29.77 18.24 11.38
N LEU C 121 -29.63 17.23 12.24
CA LEU C 121 -28.62 16.20 12.04
C LEU C 121 -29.13 15.15 11.07
N ALA C 122 -29.61 15.59 9.90
CA ALA C 122 -30.09 14.70 8.86
C ALA C 122 -29.06 14.50 7.76
N GLN C 123 -28.57 15.58 7.17
CA GLN C 123 -27.49 15.48 6.22
C GLN C 123 -26.19 15.13 6.93
N LEU C 124 -25.29 14.48 6.21
CA LEU C 124 -23.99 14.07 6.73
C LEU C 124 -22.93 14.84 5.95
N GLN C 125 -22.63 16.04 6.42
CA GLN C 125 -21.65 16.92 5.76
C GLN C 125 -20.40 17.00 6.63
N CYS C 126 -19.26 16.67 6.04
CA CYS C 126 -18.01 16.64 6.78
C CYS C 126 -16.85 16.64 5.80
N LYS C 127 -15.67 16.96 6.33
CA LYS C 127 -14.45 17.03 5.56
C LYS C 127 -13.35 16.25 6.27
N ASP C 128 -12.31 15.91 5.50
CA ASP C 128 -11.06 15.29 5.95
C ASP C 128 -11.25 14.32 7.11
N SER C 129 -12.23 13.43 7.00
CA SER C 129 -12.50 12.40 7.99
C SER C 129 -12.79 13.01 9.37
N GLY C 130 -13.88 13.76 9.43
CA GLY C 130 -14.31 14.39 10.66
C GLY C 130 -15.40 15.41 10.40
N PRO C 131 -16.41 15.44 11.27
CA PRO C 131 -17.49 16.41 11.10
C PRO C 131 -16.97 17.84 11.20
N GLU C 132 -17.63 18.75 10.49
CA GLU C 132 -17.24 20.15 10.54
C GLU C 132 -17.45 20.70 11.94
N ALA C 133 -16.66 21.72 12.28
CA ALA C 133 -16.54 22.15 13.67
C ALA C 133 -17.90 22.52 14.27
N ALA C 134 -18.72 23.24 13.52
CA ALA C 134 -20.06 23.55 14.00
C ALA C 134 -20.86 22.28 14.23
N ALA C 135 -20.76 21.32 13.31
CA ALA C 135 -21.45 20.05 13.49
C ALA C 135 -20.91 19.29 14.68
N ALA C 136 -19.59 19.36 14.91
CA ALA C 136 -19.01 18.66 16.06
C ALA C 136 -19.53 19.23 17.37
N ALA C 137 -19.51 20.56 17.49
CA ALA C 137 -20.02 21.19 18.71
C ALA C 137 -21.51 20.91 18.88
N ARG C 138 -22.26 20.92 17.76
CA ARG C 138 -23.68 20.62 17.80
C ARG C 138 -23.93 19.20 18.27
N LEU C 139 -23.12 18.25 17.80
CA LEU C 139 -23.25 16.86 18.23
C LEU C 139 -22.94 16.71 19.71
N GLU C 140 -21.90 17.40 20.18
CA GLU C 140 -21.59 17.35 21.58
C GLU C 140 -22.78 17.84 22.36
N ALA C 141 -23.24 19.04 22.04
CA ALA C 141 -24.37 19.62 22.75
C ALA C 141 -25.59 18.70 22.69
N PHE C 142 -25.79 18.01 21.57
CA PHE C 142 -26.88 17.05 21.45
C PHE C 142 -26.72 15.91 22.44
N ALA C 143 -25.50 15.40 22.58
CA ALA C 143 -25.26 14.34 23.55
C ALA C 143 -25.53 14.82 24.98
N ASN C 144 -25.06 16.02 25.31
CA ASN C 144 -25.32 16.57 26.65
C ASN C 144 -26.82 16.76 26.87
N ALA C 145 -27.53 17.25 25.86
CA ALA C 145 -28.96 17.48 26.00
C ALA C 145 -29.72 16.17 26.13
N ASN C 146 -29.26 15.11 25.45
CA ASN C 146 -29.88 13.80 25.64
C ASN C 146 -29.64 13.27 27.04
N THR C 147 -28.45 13.51 27.59
CA THR C 147 -28.20 13.16 28.99
C THR C 147 -29.15 13.94 29.90
N GLU C 148 -29.38 15.22 29.59
CA GLU C 148 -30.33 16.00 30.38
C GLU C 148 -31.75 15.46 30.25
N MET C 149 -32.12 14.99 29.05
CA MET C 149 -33.40 14.32 28.88
C MET C 149 -33.53 13.11 29.80
N VAL C 150 -32.52 12.23 29.81
CA VAL C 150 -32.66 11.03 30.63
C VAL C 150 -32.69 11.40 32.10
N GLN C 151 -31.90 12.40 32.51
CA GLN C 151 -31.92 12.82 33.91
C GLN C 151 -33.28 13.40 34.29
N ALA C 152 -33.84 14.27 33.45
CA ALA C 152 -35.11 14.90 33.76
C ALA C 152 -36.25 13.89 33.78
N THR C 153 -36.26 12.95 32.85
CA THR C 153 -37.32 11.95 32.86
C THR C 153 -37.18 11.02 34.06
N ARG C 154 -35.96 10.74 34.51
CA ARG C 154 -35.82 9.94 35.71
C ARG C 154 -36.24 10.73 36.96
N THR C 155 -36.02 12.04 36.94
CA THR C 155 -36.54 12.89 38.02
C THR C 155 -38.06 12.85 38.04
N VAL C 156 -38.69 12.90 36.86
CA VAL C 156 -40.15 12.77 36.80
C VAL C 156 -40.57 11.39 37.30
N VAL C 157 -39.74 10.37 37.08
CA VAL C 157 -40.05 9.04 37.60
C VAL C 157 -40.10 9.04 39.13
N TYR C 158 -39.05 9.59 39.77
CA TYR C 158 -39.13 9.72 41.21
C TYR C 158 -40.34 10.56 41.63
N SER C 159 -40.65 11.61 40.86
CA SER C 159 -41.77 12.48 41.21
C SER C 159 -43.08 11.70 41.23
N ARG C 160 -43.32 10.89 40.20
CA ARG C 160 -44.56 10.13 40.14
C ARG C 160 -44.62 9.06 41.23
N GLY C 161 -43.51 8.35 41.47
CA GLY C 161 -43.51 7.35 42.51
C GLY C 161 -43.76 7.94 43.88
N GLN C 162 -43.05 9.03 44.20
CA GLN C 162 -43.23 9.69 45.48
C GLN C 162 -44.61 10.33 45.60
N GLN C 163 -45.18 10.80 44.49
CA GLN C 163 -46.53 11.34 44.53
C GLN C 163 -47.53 10.26 44.90
N LEU C 164 -47.43 9.09 44.27
CA LEU C 164 -48.32 7.99 44.62
C LEU C 164 -48.14 7.62 46.10
N GLN C 165 -46.88 7.50 46.53
CA GLN C 165 -46.61 7.13 47.93
C GLN C 165 -47.21 8.15 48.89
N GLN C 166 -46.95 9.43 48.67
CA GLN C 166 -47.42 10.45 49.60
C GLN C 166 -48.93 10.54 49.59
N GLU C 167 -49.56 10.40 48.43
CA GLU C 167 -51.00 10.58 48.36
C GLU C 167 -51.72 9.39 49.00
N ILE C 168 -51.23 8.17 48.78
CA ILE C 168 -51.84 7.03 49.45
C ILE C 168 -51.64 7.12 50.95
N ALA C 169 -50.45 7.52 51.41
CA ALA C 169 -50.21 7.63 52.84
C ALA C 169 -51.12 8.68 53.47
N GLU C 170 -51.25 9.84 52.82
CA GLU C 170 -52.08 10.89 53.38
C GLU C 170 -53.55 10.52 53.38
N ARG C 171 -54.02 9.85 52.31
CA ARG C 171 -55.42 9.41 52.29
C ARG C 171 -55.69 8.40 53.39
N GLY C 172 -54.78 7.44 53.58
CA GLY C 172 -54.96 6.46 54.64
C GLY C 172 -54.99 7.10 56.02
N GLN C 173 -54.03 7.99 56.29
CA GLN C 173 -53.99 8.64 57.59
C GLN C 173 -55.22 9.51 57.82
N PHE C 174 -55.65 10.25 56.80
CA PHE C 174 -56.82 11.11 56.93
C PHE C 174 -58.07 10.28 57.22
N PHE C 175 -58.26 9.19 56.48
CA PHE C 175 -59.43 8.35 56.71
C PHE C 175 -59.39 7.68 58.07
N GLY C 176 -58.20 7.23 58.50
CA GLY C 176 -58.10 6.60 59.80
C GLY C 176 -58.36 7.56 60.96
N TRP C 177 -57.79 8.76 60.89
CA TRP C 177 -57.91 9.70 62.00
C TRP C 177 -59.28 10.38 62.02
N GLN C 178 -59.84 10.69 60.86
CA GLN C 178 -61.11 11.41 60.80
C GLN C 178 -62.32 10.51 60.97
N ALA C 179 -62.12 9.19 61.08
CA ALA C 179 -63.22 8.25 61.26
C ALA C 179 -63.07 7.46 62.56
N LEU C 180 -62.41 8.05 63.55
CA LEU C 180 -62.23 7.37 64.83
C LEU C 180 -63.54 7.18 65.58
N VAL C 181 -64.56 7.97 65.24
CA VAL C 181 -65.87 7.82 65.87
C VAL C 181 -66.73 6.89 65.04
N LEU D 26 -64.35 2.22 66.89
CA LEU D 26 -63.60 1.21 67.62
C LEU D 26 -62.10 1.33 67.36
N LEU D 27 -61.29 0.82 68.28
CA LEU D 27 -59.85 0.86 68.14
C LEU D 27 -59.34 0.01 66.98
N VAL D 28 -60.12 -1.00 66.57
CA VAL D 28 -59.69 -1.88 65.49
C VAL D 28 -59.54 -1.08 64.20
N LEU D 29 -60.45 -0.14 63.94
CA LEU D 29 -60.38 0.67 62.73
C LEU D 29 -59.09 1.49 62.71
N ALA D 30 -58.78 2.16 63.82
CA ALA D 30 -57.57 2.98 63.87
C ALA D 30 -56.31 2.11 63.74
N TRP D 31 -56.29 0.97 64.42
CA TRP D 31 -55.12 0.09 64.35
C TRP D 31 -54.92 -0.41 62.92
N GLN D 32 -56.00 -0.87 62.27
CA GLN D 32 -55.88 -1.38 60.92
C GLN D 32 -55.52 -0.25 59.95
N ALA D 33 -55.98 0.97 60.21
CA ALA D 33 -55.58 2.10 59.39
C ALA D 33 -54.09 2.36 59.50
N TRP D 34 -53.55 2.29 60.73
CA TRP D 34 -52.11 2.48 60.91
C TRP D 34 -51.32 1.40 60.19
N GLN D 35 -51.75 0.14 60.34
CA GLN D 35 -51.05 -0.95 59.67
C GLN D 35 -51.13 -0.81 58.16
N SER D 36 -52.31 -0.43 57.64
CA SER D 36 -52.46 -0.24 56.21
C SER D 36 -51.53 0.87 55.72
N LEU D 37 -51.50 2.00 56.42
CA LEU D 37 -50.61 3.08 56.04
C LEU D 37 -49.17 2.61 55.98
N ASN D 38 -48.69 2.00 57.06
CA ASN D 38 -47.29 1.60 57.13
C ASN D 38 -46.95 0.60 56.02
N ALA D 39 -47.74 -0.47 55.92
CA ALA D 39 -47.45 -1.51 54.95
C ALA D 39 -47.52 -0.98 53.53
N LEU D 40 -48.60 -0.28 53.19
CA LEU D 40 -48.77 0.20 51.83
C LEU D 40 -47.68 1.19 51.46
N SER D 41 -47.35 2.12 52.36
CA SER D 41 -46.32 3.10 52.06
C SER D 41 -44.97 2.43 51.83
N ASP D 42 -44.58 1.54 52.74
CA ASP D 42 -43.28 0.88 52.62
C ASP D 42 -43.23 0.06 51.34
N GLN D 43 -44.27 -0.73 51.07
CA GLN D 43 -44.27 -1.57 49.89
C GLN D 43 -44.24 -0.73 48.61
N ALA D 44 -45.03 0.35 48.57
CA ALA D 44 -45.04 1.19 47.38
C ALA D 44 -43.66 1.77 47.11
N ALA D 45 -43.02 2.35 48.15
CA ALA D 45 -41.72 2.96 47.96
C ALA D 45 -40.68 1.94 47.51
N VAL D 46 -40.58 0.82 48.23
CA VAL D 46 -39.54 -0.14 47.92
C VAL D 46 -39.79 -0.81 46.58
N THR D 47 -41.05 -1.08 46.24
CA THR D 47 -41.34 -1.70 44.95
C THR D 47 -41.00 -0.76 43.80
N ASN D 48 -41.39 0.51 43.91
CA ASN D 48 -41.03 1.46 42.86
C ASN D 48 -39.52 1.53 42.69
N ARG D 49 -38.80 1.70 43.81
CA ARG D 49 -37.36 1.90 43.71
C ARG D 49 -36.66 0.66 43.16
N SER D 50 -37.03 -0.52 43.68
CA SER D 50 -36.39 -1.75 43.23
C SER D 50 -36.71 -2.04 41.77
N THR D 51 -37.95 -1.80 41.35
CA THR D 51 -38.30 -2.02 39.96
C THR D 51 -37.52 -1.10 39.02
N LEU D 52 -37.41 0.19 39.39
CA LEU D 52 -36.66 1.11 38.54
C LEU D 52 -35.19 0.70 38.46
N ILE D 53 -34.60 0.36 39.62
CA ILE D 53 -33.20 -0.04 39.63
C ILE D 53 -32.99 -1.29 38.80
N ASP D 54 -33.90 -2.27 38.91
CA ASP D 54 -33.75 -3.51 38.17
C ASP D 54 -33.86 -3.27 36.67
N ALA D 55 -34.83 -2.45 36.24
CA ALA D 55 -34.98 -2.18 34.82
C ALA D 55 -33.75 -1.46 34.27
N ARG D 56 -33.28 -0.43 34.97
CA ARG D 56 -32.11 0.30 34.49
C ARG D 56 -30.89 -0.61 34.45
N ARG D 57 -30.71 -1.44 35.48
CA ARG D 57 -29.57 -2.34 35.52
C ARG D 57 -29.61 -3.35 34.37
N SER D 58 -30.79 -3.90 34.08
CA SER D 58 -30.89 -4.84 32.96
C SER D 58 -30.60 -4.17 31.63
N GLU D 59 -31.11 -2.96 31.43
CA GLU D 59 -30.86 -2.27 30.16
C GLU D 59 -29.36 -1.96 30.00
N ALA D 60 -28.73 -1.45 31.05
CA ALA D 60 -27.29 -1.22 30.98
C ALA D 60 -26.54 -2.53 30.79
N MET D 61 -27.06 -3.63 31.33
CA MET D 61 -26.46 -4.94 31.14
C MET D 61 -26.43 -5.31 29.67
N THR D 62 -27.57 -5.19 28.99
CA THR D 62 -27.61 -5.52 27.58
C THR D 62 -26.71 -4.59 26.76
N ASN D 63 -26.71 -3.30 27.09
CA ASN D 63 -25.90 -2.36 26.33
C ASN D 63 -24.41 -2.67 26.48
N VAL D 64 -23.96 -2.95 27.70
CA VAL D 64 -22.54 -3.26 27.87
C VAL D 64 -22.20 -4.64 27.33
N ALA D 65 -23.17 -5.56 27.26
CA ALA D 65 -22.91 -6.83 26.58
C ALA D 65 -22.67 -6.61 25.09
N LEU D 66 -23.50 -5.77 24.46
CA LEU D 66 -23.28 -5.45 23.05
C LEU D 66 -21.94 -4.77 22.84
N GLU D 67 -21.60 -3.82 23.71
CA GLU D 67 -20.30 -3.17 23.62
C GLU D 67 -19.16 -4.17 23.82
N MET D 68 -19.37 -5.15 24.71
CA MET D 68 -18.39 -6.20 24.92
C MET D 68 -18.13 -6.96 23.64
N GLU D 69 -19.20 -7.39 22.98
CA GLU D 69 -19.06 -8.13 21.72
C GLU D 69 -18.35 -7.29 20.66
N ARG D 70 -18.72 -6.01 20.56
CA ARG D 70 -18.09 -5.16 19.56
C ARG D 70 -16.60 -4.98 19.84
N SER D 71 -16.24 -4.78 21.11
CA SER D 71 -14.83 -4.62 21.44
C SER D 71 -14.06 -5.90 21.16
N TYR D 72 -14.65 -7.06 21.47
CA TYR D 72 -13.99 -8.33 21.18
C TYR D 72 -13.72 -8.47 19.70
N ARG D 73 -14.74 -8.23 18.86
CA ARG D 73 -14.56 -8.38 17.43
C ARG D 73 -13.55 -7.39 16.88
N GLN D 74 -13.61 -6.14 17.34
CA GLN D 74 -12.67 -5.12 16.84
C GLN D 74 -11.24 -5.46 17.24
N TYR D 75 -11.03 -5.93 18.47
CA TYR D 75 -9.68 -6.32 18.86
C TYR D 75 -9.20 -7.50 18.05
N CYS D 76 -10.07 -8.48 17.79
CA CYS D 76 -9.66 -9.63 17.00
C CYS D 76 -9.27 -9.24 15.59
N VAL D 77 -10.07 -8.37 14.95
CA VAL D 77 -9.73 -7.92 13.60
C VAL D 77 -8.52 -7.01 13.62
N LEU D 78 -8.50 -6.05 14.54
CA LEU D 78 -7.44 -5.04 14.63
C LEU D 78 -6.68 -5.30 15.93
N ASP D 79 -5.51 -5.93 15.81
CA ASP D 79 -4.74 -6.31 16.99
C ASP D 79 -4.13 -5.06 17.63
N ASP D 80 -4.49 -4.81 18.89
CA ASP D 80 -3.99 -3.65 19.63
C ASP D 80 -4.18 -3.86 21.12
N PRO D 81 -3.12 -3.76 21.93
CA PRO D 81 -3.27 -3.96 23.38
C PRO D 81 -4.22 -2.98 24.04
N THR D 82 -4.35 -1.76 23.51
CA THR D 82 -5.26 -0.79 24.11
C THR D 82 -6.70 -1.27 24.02
N LEU D 83 -7.09 -1.85 22.89
CA LEU D 83 -8.42 -2.45 22.78
C LEU D 83 -8.58 -3.55 23.82
N ALA D 84 -7.52 -4.31 24.07
CA ALA D 84 -7.58 -5.34 25.11
C ALA D 84 -7.83 -4.72 26.48
N LYS D 85 -7.15 -3.62 26.78
CA LYS D 85 -7.35 -2.97 28.08
C LYS D 85 -8.77 -2.43 28.22
N VAL D 86 -9.30 -1.84 27.15
CA VAL D 86 -10.68 -1.36 27.18
C VAL D 86 -11.64 -2.52 27.41
N TYR D 87 -11.38 -3.66 26.74
CA TYR D 87 -12.22 -4.84 26.94
C TYR D 87 -12.14 -5.32 28.39
N GLN D 88 -10.94 -5.29 28.98
CA GLN D 88 -10.81 -5.68 30.38
C GLN D 88 -11.64 -4.78 31.28
N SER D 89 -11.58 -3.47 31.05
CA SER D 89 -12.38 -2.54 31.85
C SER D 89 -13.86 -2.81 31.70
N GLN D 90 -14.31 -3.03 30.47
CA GLN D 90 -15.73 -3.33 30.23
C GLN D 90 -16.14 -4.63 30.91
N ARG D 91 -15.27 -5.65 30.85
CA ARG D 91 -15.59 -6.92 31.49
C ARG D 91 -15.69 -6.76 33.00
N LYS D 92 -14.79 -5.97 33.60
CA LYS D 92 -14.87 -5.75 35.04
C LYS D 92 -16.15 -5.01 35.40
N ARG D 93 -16.53 -4.01 34.61
CA ARG D 93 -17.78 -3.31 34.87
C ARG D 93 -18.98 -4.23 34.76
N TYR D 94 -19.00 -5.08 33.73
CA TYR D 94 -20.11 -6.01 33.57
C TYR D 94 -20.16 -7.02 34.70
N SER D 95 -19.00 -7.49 35.16
CA SER D 95 -18.98 -8.43 36.29
C SER D 95 -19.52 -7.77 37.56
N ASP D 96 -19.12 -6.54 37.80
CA ASP D 96 -19.64 -5.83 38.97
C ASP D 96 -21.16 -5.71 38.86
N MET D 97 -21.63 -5.26 37.71
CA MET D 97 -23.07 -5.04 37.55
C MET D 97 -23.86 -6.33 37.62
N LEU D 98 -23.26 -7.44 37.17
CA LEU D 98 -23.90 -8.75 37.30
C LEU D 98 -23.93 -9.22 38.74
N ASP D 99 -22.91 -8.90 39.53
CA ASP D 99 -22.89 -9.30 40.92
C ASP D 99 -23.98 -8.63 41.74
N ALA D 100 -24.57 -7.54 41.24
CA ALA D 100 -25.61 -6.81 41.95
C ALA D 100 -27.01 -7.15 41.44
N HIS D 101 -27.16 -8.21 40.66
CA HIS D 101 -28.46 -8.59 40.12
C HIS D 101 -28.82 -10.04 40.45
N ALA D 102 -28.01 -10.73 41.25
CA ALA D 102 -28.26 -12.13 41.53
C ALA D 102 -29.50 -12.32 42.40
N GLY D 103 -29.77 -11.40 43.32
CA GLY D 103 -30.83 -11.58 44.28
C GLY D 103 -32.24 -11.36 43.79
N VAL D 104 -32.41 -10.96 42.53
CA VAL D 104 -33.73 -10.67 41.98
C VAL D 104 -34.29 -11.87 41.21
N LEU D 105 -33.48 -12.46 40.34
CA LEU D 105 -33.96 -13.56 39.52
C LEU D 105 -34.11 -14.82 40.37
N PRO D 106 -35.30 -15.44 40.40
CA PRO D 106 -35.48 -16.63 41.25
C PRO D 106 -34.58 -17.80 40.92
N ASP D 107 -34.27 -18.01 39.63
CA ASP D 107 -33.47 -19.16 39.20
C ASP D 107 -32.00 -18.75 39.19
N ASP D 108 -31.26 -19.20 40.20
CA ASP D 108 -29.84 -18.87 40.29
C ASP D 108 -29.04 -19.55 39.18
N LYS D 109 -29.57 -20.61 38.59
CA LYS D 109 -28.84 -21.34 37.56
C LYS D 109 -28.52 -20.44 36.37
N LEU D 110 -29.48 -19.64 35.93
CA LEU D 110 -29.28 -18.81 34.76
C LEU D 110 -28.27 -17.70 35.03
N TYR D 111 -28.35 -17.09 36.20
CA TYR D 111 -27.37 -16.08 36.59
C TYR D 111 -25.97 -16.68 36.67
N GLN D 112 -25.85 -17.88 37.23
CA GLN D 112 -24.55 -18.53 37.30
C GLN D 112 -24.03 -18.87 35.91
N ALA D 113 -24.93 -19.27 35.00
CA ALA D 113 -24.51 -19.52 33.62
C ALA D 113 -23.99 -18.24 32.96
N LEU D 114 -24.67 -17.12 33.19
CA LEU D 114 -24.17 -15.85 32.68
C LEU D 114 -22.80 -15.53 33.25
N ARG D 115 -22.61 -15.74 34.55
CA ARG D 115 -21.32 -15.48 35.16
C ARG D 115 -20.23 -16.36 34.56
N GLN D 116 -20.54 -17.64 34.36
CA GLN D 116 -19.56 -18.56 33.80
C GLN D 116 -19.21 -18.19 32.37
N ASP D 117 -20.20 -17.81 31.56
CA ASP D 117 -19.94 -17.37 30.20
C ASP D 117 -19.07 -16.12 30.18
N LEU D 118 -19.38 -15.16 31.07
CA LEU D 118 -18.58 -13.94 31.14
C LEU D 118 -17.13 -14.25 31.51
N ASN D 119 -16.93 -15.15 32.48
CA ASN D 119 -15.57 -15.50 32.85
C ASN D 119 -14.87 -16.31 31.75
N ALA D 120 -15.65 -17.06 30.96
CA ALA D 120 -15.07 -17.74 29.81
C ALA D 120 -14.62 -16.76 28.74
N LEU D 121 -15.34 -15.64 28.61
CA LEU D 121 -14.96 -14.58 27.68
C LEU D 121 -13.84 -13.68 28.23
N ALA D 122 -13.11 -14.15 29.24
CA ALA D 122 -12.07 -13.31 29.84
C ALA D 122 -10.84 -13.21 28.94
N GLN D 123 -10.57 -14.24 28.15
CA GLN D 123 -9.40 -14.27 27.30
C GLN D 123 -9.77 -13.91 25.86
N LEU D 124 -8.86 -13.23 25.18
CA LEU D 124 -9.05 -12.84 23.78
C LEU D 124 -8.11 -13.70 22.94
N GLN D 125 -8.68 -14.64 22.19
CA GLN D 125 -7.88 -15.56 21.39
C GLN D 125 -8.60 -15.85 20.08
N CYS D 126 -7.89 -15.63 18.97
CA CYS D 126 -8.43 -15.93 17.65
C CYS D 126 -7.29 -15.97 16.65
N LYS D 127 -7.28 -17.00 15.80
CA LYS D 127 -6.20 -17.18 14.84
C LYS D 127 -6.43 -16.36 13.58
N ASP D 128 -7.63 -16.49 13.01
CA ASP D 128 -7.96 -15.71 11.81
C ASP D 128 -8.47 -14.31 12.15
N SER D 129 -8.75 -13.54 11.11
CA SER D 129 -9.37 -12.22 11.27
C SER D 129 -10.50 -12.27 12.28
N GLY D 130 -11.44 -13.18 12.09
CA GLY D 130 -12.56 -13.29 12.99
C GLY D 130 -12.21 -14.08 14.23
N PRO D 131 -13.15 -14.14 15.17
CA PRO D 131 -12.89 -14.84 16.43
C PRO D 131 -12.89 -16.35 16.23
N GLU D 132 -12.50 -17.05 17.31
CA GLU D 132 -12.52 -18.50 17.29
C GLU D 132 -13.94 -19.00 17.13
N ALA D 133 -14.09 -20.16 16.47
CA ALA D 133 -15.41 -20.68 16.14
C ALA D 133 -16.23 -20.93 17.41
N ALA D 134 -15.65 -21.65 18.37
CA ALA D 134 -16.33 -21.84 19.64
C ALA D 134 -16.51 -20.51 20.36
N ALA D 135 -15.57 -19.58 20.18
CA ALA D 135 -15.76 -18.24 20.73
C ALA D 135 -16.97 -17.55 20.11
N ALA D 136 -17.15 -17.69 18.80
CA ALA D 136 -18.32 -17.10 18.15
C ALA D 136 -19.60 -17.75 18.66
N ALA D 137 -19.62 -19.07 18.79
CA ALA D 137 -20.81 -19.76 19.28
C ALA D 137 -21.16 -19.33 20.70
N ARG D 138 -20.15 -19.26 21.57
CA ARG D 138 -20.41 -18.84 22.95
C ARG D 138 -20.77 -17.37 23.03
N LEU D 139 -20.26 -16.54 22.11
CA LEU D 139 -20.69 -15.15 22.07
C LEU D 139 -22.16 -15.04 21.68
N GLU D 140 -22.60 -15.82 20.70
CA GLU D 140 -24.02 -15.81 20.34
C GLU D 140 -24.88 -16.32 21.48
N ALA D 141 -24.43 -17.38 22.16
CA ALA D 141 -25.16 -17.86 23.33
C ALA D 141 -25.20 -16.81 24.43
N PHE D 142 -24.10 -16.07 24.60
CA PHE D 142 -24.06 -15.00 25.59
C PHE D 142 -25.07 -13.92 25.26
N ALA D 143 -25.16 -13.52 23.99
CA ALA D 143 -26.13 -12.50 23.60
C ALA D 143 -27.55 -12.98 23.81
N ASN D 144 -27.85 -14.22 23.43
CA ASN D 144 -29.20 -14.75 23.63
C ASN D 144 -29.53 -14.85 25.12
N ALA D 145 -28.57 -15.29 25.93
CA ALA D 145 -28.80 -15.40 27.36
C ALA D 145 -29.02 -14.02 27.98
N ASN D 146 -28.30 -13.01 27.50
CA ASN D 146 -28.50 -11.66 28.05
C ASN D 146 -29.87 -11.11 27.65
N THR D 147 -30.31 -11.41 26.44
CA THR D 147 -31.65 -11.00 26.03
C THR D 147 -32.72 -11.68 26.90
N GLU D 148 -32.56 -12.98 27.14
CA GLU D 148 -33.49 -13.67 28.03
C GLU D 148 -33.41 -13.10 29.44
N MET D 149 -32.22 -12.67 29.87
CA MET D 149 -32.07 -12.09 31.20
C MET D 149 -32.86 -10.79 31.31
N VAL D 150 -32.75 -9.92 30.31
CA VAL D 150 -33.50 -8.67 30.37
C VAL D 150 -35.00 -8.94 30.30
N GLN D 151 -35.41 -9.93 29.51
CA GLN D 151 -36.83 -10.28 29.47
C GLN D 151 -37.32 -10.79 30.82
N ALA D 152 -36.54 -11.66 31.46
CA ALA D 152 -36.93 -12.21 32.76
C ALA D 152 -36.98 -11.12 33.82
N THR D 153 -36.02 -10.19 33.79
CA THR D 153 -36.06 -9.08 34.75
C THR D 153 -37.30 -8.22 34.53
N ARG D 154 -37.65 -7.95 33.27
CA ARG D 154 -38.87 -7.19 33.01
C ARG D 154 -40.10 -7.93 33.52
N THR D 155 -40.15 -9.24 33.32
CA THR D 155 -41.29 -10.02 33.79
C THR D 155 -41.38 -10.00 35.31
N VAL D 156 -40.25 -10.12 35.99
CA VAL D 156 -40.25 -10.08 37.46
C VAL D 156 -40.68 -8.71 37.97
N VAL D 157 -40.27 -7.64 37.28
CA VAL D 157 -40.71 -6.31 37.67
C VAL D 157 -42.22 -6.17 37.52
N TYR D 158 -42.75 -6.64 36.40
CA TYR D 158 -44.21 -6.62 36.22
C TYR D 158 -44.90 -7.47 37.27
N SER D 159 -44.29 -8.59 37.64
CA SER D 159 -44.86 -9.46 38.67
C SER D 159 -44.92 -8.74 40.01
N ARG D 160 -43.87 -8.00 40.36
CA ARG D 160 -43.88 -7.25 41.61
C ARG D 160 -44.94 -6.16 41.61
N GLY D 161 -45.06 -5.44 40.49
CA GLY D 161 -46.11 -4.43 40.40
C GLY D 161 -47.50 -5.04 40.52
N GLN D 162 -47.74 -6.15 39.82
CA GLN D 162 -49.03 -6.83 39.90
C GLN D 162 -49.26 -7.41 41.29
N GLN D 163 -48.20 -7.81 41.99
CA GLN D 163 -48.35 -8.28 43.37
C GLN D 163 -48.79 -7.15 44.28
N LEU D 164 -48.20 -5.96 44.11
CA LEU D 164 -48.68 -4.81 44.88
C LEU D 164 -50.14 -4.52 44.58
N GLN D 165 -50.51 -4.60 43.29
CA GLN D 165 -51.90 -4.39 42.91
C GLN D 165 -52.82 -5.40 43.57
N GLN D 166 -52.43 -6.67 43.57
CA GLN D 166 -53.28 -7.71 44.15
C GLN D 166 -53.37 -7.58 45.66
N GLU D 167 -52.28 -7.19 46.32
CA GLU D 167 -52.33 -7.02 47.77
C GLU D 167 -53.24 -5.87 48.15
N ILE D 168 -53.15 -4.75 47.42
CA ILE D 168 -54.04 -3.63 47.73
C ILE D 168 -55.48 -3.97 47.36
N ALA D 169 -55.68 -4.81 46.34
CA ALA D 169 -57.04 -5.29 46.05
C ALA D 169 -57.57 -6.16 47.17
N GLU D 170 -56.70 -6.98 47.78
CA GLU D 170 -57.11 -7.76 48.94
C GLU D 170 -57.48 -6.86 50.11
N ARG D 171 -56.70 -5.79 50.32
CA ARG D 171 -57.06 -4.82 51.35
C ARG D 171 -58.41 -4.18 51.07
N GLY D 172 -58.67 -3.85 49.81
CA GLY D 172 -59.98 -3.31 49.45
C GLY D 172 -61.10 -4.30 49.70
N GLN D 173 -60.86 -5.58 49.38
CA GLN D 173 -61.86 -6.61 49.66
C GLN D 173 -62.12 -6.74 51.15
N PHE D 174 -61.05 -6.63 51.96
CA PHE D 174 -61.24 -6.64 53.41
C PHE D 174 -62.07 -5.44 53.86
N PHE D 175 -61.82 -4.27 53.28
CA PHE D 175 -62.65 -3.10 53.59
C PHE D 175 -64.10 -3.34 53.23
N GLY D 176 -64.34 -3.95 52.06
CA GLY D 176 -65.71 -4.22 51.65
C GLY D 176 -66.41 -5.22 52.56
N TRP D 177 -65.67 -6.25 53.01
CA TRP D 177 -66.24 -7.19 53.96
C TRP D 177 -66.54 -6.51 55.29
N GLN D 178 -65.65 -5.62 55.74
CA GLN D 178 -65.92 -4.85 56.95
C GLN D 178 -67.08 -3.89 56.78
N ALA D 179 -67.39 -3.50 55.54
CA ALA D 179 -68.50 -2.58 55.30
C ALA D 179 -69.84 -3.18 55.69
N LEU D 180 -69.94 -4.51 55.78
CA LEU D 180 -71.19 -5.13 56.19
C LEU D 180 -71.55 -4.74 57.62
N VAL D 181 -70.56 -4.72 58.51
CA VAL D 181 -70.74 -4.36 59.91
C VAL D 181 -71.79 -5.23 60.57
#